data_3BGF
#
_entry.id   3BGF
#
_cell.length_a   183.688
_cell.length_b   73.365
_cell.length_c   110.782
_cell.angle_alpha   90.000
_cell.angle_beta   90.000
_cell.angle_gamma   90.000
#
_symmetry.space_group_name_H-M   'P 21 21 2'
#
loop_
_entity.id
_entity.type
_entity.pdbx_description
1 polymer 'Spike protein S1'
2 polymer 'F26G19 Fab'
3 polymer 'F26G19 Fab'
4 water water
#
loop_
_entity_poly.entity_id
_entity_poly.type
_entity_poly.pdbx_seq_one_letter_code
_entity_poly.pdbx_strand_id
1 'polypeptide(L)'
;NITNLCPFGEVFNATKFPSVYAWERKKISNCVADYSVLYNSTFFSTFKCYGVSATKLNDLCFSNVYADSFVVKGDDVRQI
APGQTGVIADYNYKLPDDFMGCVLAWNTRNIDATSTGNYNYKYRYLRHGKLRPFERDISNVPFSPDGKPCTPPALNCYWP
LNDYGFYTTTGIGYQPYRVVVLSFELLNAPATV
;
S,A
2 'polypeptide(L)'
;DILMTQSPSSLSASLGERVSLTCRASQEISGYLSWLQEKPDGTIKRLIYAASTLDSGVPKRFSGSRSGSDYSLTISSLES
EDFADYYCLQYVSYPWTFGGGTKLEIKRADAAPTVSIFPPSSEQLTSGGASVVCFLNNFYPKDINVKWKIDGSERQNGVL
NSWTDQDSKDSTYSMSSTLTLTKDEYERHNSYTCEATHKTSTSPIVKSFNRN
;
L,C
3 'polypeptide(L)'
;EVQLEESGTVLARPGASVKMSCKASGYTFTTYRMHWIKQRPGQGLEWIGAIYPGNSDTTYNQKFKDKAKLTAVTSTSSAY
MELSSLTNEDSAVYFCTREGIPQLLRTLDYWGQGTSVTVSSAKTTAPSVYPLAPVCGDTTGSSVTLGCLVKGYFPEPVTL
TWNSGSLSSGVHTFPAVLQSDLYTLSSSVTVTSSTWPSQSITCNVAHPASSTKVDKKIEP
;
H,B
#
# COMPACT_ATOMS: atom_id res chain seq x y z
N CYS A 6 -3.34 22.00 24.73
CA CYS A 6 -3.73 21.40 23.41
C CYS A 6 -3.76 19.88 23.49
N PRO A 7 -4.53 19.25 22.59
CA PRO A 7 -4.66 17.80 22.61
C PRO A 7 -3.55 17.10 21.82
N PHE A 8 -2.78 16.28 22.52
CA PHE A 8 -1.72 15.51 21.90
C PHE A 8 -2.10 14.04 21.92
N GLY A 9 -2.90 13.65 22.91
CA GLY A 9 -3.42 12.29 22.98
C GLY A 9 -4.23 12.02 21.72
N GLU A 10 -4.57 13.10 21.02
CA GLU A 10 -5.29 12.99 19.77
C GLU A 10 -4.30 12.93 18.61
N VAL A 11 -3.03 13.20 18.89
CA VAL A 11 -1.99 13.18 17.86
C VAL A 11 -1.06 11.97 17.99
N PHE A 12 -0.47 11.81 19.17
CA PHE A 12 0.45 10.69 19.42
C PHE A 12 -0.27 9.37 19.53
N ASN A 13 -1.41 9.38 20.23
CA ASN A 13 -2.19 8.16 20.42
C ASN A 13 -3.26 7.93 19.37
N ALA A 14 -3.15 8.64 18.25
CA ALA A 14 -4.08 8.51 17.13
C ALA A 14 -4.06 7.08 16.59
N THR A 15 -5.25 6.51 16.38
CA THR A 15 -5.33 5.12 15.93
C THR A 15 -4.52 4.84 14.68
N LYS A 16 -4.64 5.69 13.68
CA LYS A 16 -3.98 5.45 12.40
C LYS A 16 -3.18 6.62 11.84
N PHE A 17 -1.93 6.35 11.48
CA PHE A 17 -1.03 7.34 10.87
C PHE A 17 -1.06 7.26 9.35
N PRO A 18 -0.64 8.34 8.67
CA PRO A 18 -0.62 8.37 7.22
C PRO A 18 0.73 7.95 6.66
N SER A 19 0.80 7.75 5.35
CA SER A 19 2.07 7.45 4.69
C SER A 19 2.96 8.69 4.69
N VAL A 20 4.26 8.48 4.75
CA VAL A 20 5.20 9.59 4.74
C VAL A 20 5.05 10.50 3.50
N TYR A 21 4.84 9.92 2.31
CA TYR A 21 4.71 10.76 1.13
C TYR A 21 3.43 11.57 1.20
N ALA A 22 2.47 11.07 1.95
CA ALA A 22 1.18 11.73 2.13
C ALA A 22 1.05 12.21 3.56
N TRP A 23 2.16 12.69 4.11
CA TRP A 23 2.19 13.16 5.48
C TRP A 23 1.12 14.21 5.78
N GLU A 24 0.50 14.09 6.95
CA GLU A 24 -0.56 14.99 7.39
C GLU A 24 -0.05 15.93 8.47
N ARG A 25 -0.54 17.17 8.44
CA ARG A 25 -0.15 18.18 9.41
C ARG A 25 -1.34 18.66 10.23
N LYS A 26 -1.16 18.75 11.54
CA LYS A 26 -2.22 19.26 12.41
C LYS A 26 -1.73 20.56 13.04
N LYS A 27 -2.65 21.53 13.21
CA LYS A 27 -2.30 22.82 13.78
C LYS A 27 -2.57 22.87 15.28
N ILE A 28 -1.59 23.32 16.04
CA ILE A 28 -1.74 23.50 17.49
C ILE A 28 -1.40 24.93 17.91
N SER A 29 -2.33 25.56 18.62
CA SER A 29 -2.17 26.94 19.08
C SER A 29 -3.06 27.23 20.30
N ASN A 30 -2.82 28.37 20.94
CA ASN A 30 -3.58 28.79 22.11
C ASN A 30 -3.56 27.78 23.26
N CYS A 31 -2.37 27.56 23.82
CA CYS A 31 -2.18 26.65 24.95
C CYS A 31 -0.70 26.39 25.21
N VAL A 32 -0.46 25.34 26.00
CA VAL A 32 0.87 24.79 26.25
C VAL A 32 0.64 23.37 26.74
N ALA A 33 1.69 22.56 26.73
CA ALA A 33 1.59 21.18 27.19
C ALA A 33 2.95 20.67 27.68
N ASP A 34 3.05 20.41 28.98
CA ASP A 34 4.30 19.95 29.60
C ASP A 34 5.10 18.97 28.74
N TYR A 35 6.24 19.44 28.25
CA TYR A 35 7.11 18.61 27.42
C TYR A 35 7.89 17.60 28.26
N SER A 36 7.57 17.52 29.54
CA SER A 36 8.23 16.57 30.43
C SER A 36 7.63 15.18 30.26
N VAL A 37 6.31 15.12 30.08
CA VAL A 37 5.61 13.85 29.91
C VAL A 37 6.14 13.08 28.69
N LEU A 38 6.84 13.78 27.80
CA LEU A 38 7.35 13.15 26.59
C LEU A 38 8.86 13.21 26.44
N TYR A 39 9.52 14.10 27.18
CA TYR A 39 10.98 14.17 27.14
C TYR A 39 11.62 13.16 28.10
N ASN A 40 10.96 12.92 29.23
CA ASN A 40 11.47 11.96 30.20
C ASN A 40 10.69 10.65 30.13
N SER A 41 10.41 10.18 28.91
CA SER A 41 9.62 8.97 28.71
C SER A 41 10.35 7.88 27.93
N THR A 42 10.14 6.64 28.39
CA THR A 42 10.68 5.46 27.73
C THR A 42 9.95 5.25 26.40
N PHE A 43 8.82 5.93 26.26
CA PHE A 43 8.00 5.77 25.08
C PHE A 43 8.74 6.08 23.78
N PHE A 44 9.56 7.13 23.78
CA PHE A 44 10.24 7.52 22.55
C PHE A 44 11.61 6.92 22.34
N SER A 45 11.85 6.50 21.12
CA SER A 45 13.14 5.93 20.76
C SER A 45 14.02 7.01 20.15
N THR A 46 13.40 8.09 19.72
CA THR A 46 14.12 9.20 19.11
C THR A 46 13.47 10.52 19.52
N PHE A 47 14.30 11.43 20.00
CA PHE A 47 13.83 12.74 20.43
C PHE A 47 14.95 13.76 20.22
N LYS A 48 14.99 14.36 19.03
CA LYS A 48 16.06 15.29 18.68
C LYS A 48 15.54 16.66 18.28
N CYS A 49 15.90 17.67 19.05
CA CYS A 49 15.47 19.02 18.78
C CYS A 49 16.57 19.81 18.07
N TYR A 50 16.21 20.49 17.00
CA TYR A 50 17.19 21.23 16.22
C TYR A 50 16.88 22.73 16.29
N GLY A 51 17.93 23.53 16.45
CA GLY A 51 17.77 24.97 16.55
C GLY A 51 17.15 25.42 17.86
N VAL A 52 16.71 24.46 18.66
CA VAL A 52 16.11 24.75 19.95
C VAL A 52 16.88 24.01 21.02
N SER A 53 16.22 23.74 22.15
CA SER A 53 16.82 22.99 23.24
C SER A 53 15.77 22.11 23.92
N ALA A 54 15.97 20.80 23.89
CA ALA A 54 15.02 19.87 24.49
C ALA A 54 14.79 20.17 25.96
N THR A 55 15.86 20.49 26.68
CA THR A 55 15.76 20.80 28.10
C THR A 55 15.02 22.12 28.38
N LYS A 56 15.62 23.23 27.97
CA LYS A 56 15.01 24.57 28.14
C LYS A 56 13.91 24.80 27.12
N LEU A 57 12.96 23.85 27.03
CA LEU A 57 11.90 23.90 26.03
C LEU A 57 10.60 24.46 26.61
N ASN A 58 10.34 24.16 27.88
CA ASN A 58 9.16 24.70 28.55
C ASN A 58 9.29 26.19 28.90
N ASP A 59 10.34 26.83 28.41
CA ASP A 59 10.57 28.25 28.68
C ASP A 59 10.27 29.14 27.47
N LEU A 60 9.45 28.64 26.54
CA LEU A 60 9.17 29.38 25.31
C LEU A 60 7.69 29.49 24.90
N CYS A 61 7.31 30.66 24.42
CA CYS A 61 5.96 30.91 23.93
C CYS A 61 5.96 30.85 22.41
N PHE A 62 4.89 30.34 21.83
CA PHE A 62 4.79 30.28 20.38
C PHE A 62 3.39 30.62 19.90
N SER A 63 3.33 31.29 18.77
CA SER A 63 2.07 31.61 18.13
C SER A 63 1.69 30.43 17.26
N ASN A 64 2.70 29.82 16.66
CA ASN A 64 2.51 28.68 15.76
C ASN A 64 3.25 27.41 16.18
N VAL A 65 2.53 26.29 16.15
CA VAL A 65 3.11 24.96 16.39
C VAL A 65 2.44 23.93 15.49
N TYR A 66 3.19 23.40 14.52
CA TYR A 66 2.69 22.44 13.54
C TYR A 66 3.26 21.04 13.78
N ALA A 67 2.38 20.05 13.90
CA ALA A 67 2.80 18.67 14.10
C ALA A 67 2.60 17.84 12.83
N ASP A 68 3.63 17.10 12.45
CA ASP A 68 3.59 16.29 11.23
C ASP A 68 3.62 14.80 11.55
N SER A 69 2.65 14.06 11.04
CA SER A 69 2.51 12.65 11.34
C SER A 69 2.77 11.78 10.14
N PHE A 70 3.38 10.62 10.36
CA PHE A 70 3.63 9.66 9.30
C PHE A 70 4.49 8.50 9.78
N VAL A 71 4.63 7.50 8.93
CA VAL A 71 5.41 6.31 9.26
C VAL A 71 6.55 6.06 8.28
N VAL A 72 7.69 5.64 8.81
CA VAL A 72 8.85 5.25 8.01
C VAL A 72 9.50 4.05 8.70
N LYS A 73 10.34 3.32 7.96
CA LYS A 73 11.00 2.17 8.56
C LYS A 73 12.13 2.64 9.46
N GLY A 74 12.52 1.78 10.39
CA GLY A 74 13.57 2.12 11.32
C GLY A 74 14.76 2.81 10.70
N ASP A 75 15.47 2.12 9.81
CA ASP A 75 16.67 2.68 9.19
C ASP A 75 16.44 4.02 8.53
N ASP A 76 15.20 4.33 8.15
CA ASP A 76 14.88 5.58 7.48
C ASP A 76 14.64 6.77 8.42
N VAL A 77 14.64 6.52 9.72
CA VAL A 77 14.33 7.58 10.66
C VAL A 77 15.39 8.67 10.64
N ARG A 78 16.66 8.26 10.59
CA ARG A 78 17.78 9.19 10.61
C ARG A 78 17.69 10.23 9.49
N GLN A 79 16.80 9.98 8.53
CA GLN A 79 16.59 10.93 7.44
C GLN A 79 15.65 12.07 7.81
N ILE A 80 15.08 12.03 9.01
CA ILE A 80 14.19 13.11 9.44
C ILE A 80 14.98 14.09 10.30
N ALA A 81 15.82 14.87 9.62
CA ALA A 81 16.70 15.84 10.25
C ALA A 81 17.30 16.71 9.15
N PRO A 82 17.73 17.93 9.50
CA PRO A 82 18.31 18.81 8.50
C PRO A 82 19.54 18.21 7.82
N GLY A 83 19.79 18.64 6.59
CA GLY A 83 20.97 18.23 5.84
C GLY A 83 21.10 16.74 5.60
N GLN A 84 19.98 16.05 5.56
CA GLN A 84 19.99 14.61 5.32
C GLN A 84 19.71 14.30 3.85
N THR A 85 20.28 13.21 3.36
CA THR A 85 20.05 12.75 1.99
C THR A 85 19.50 11.35 2.01
N GLY A 86 18.58 11.07 1.09
CA GLY A 86 17.95 9.77 0.99
C GLY A 86 16.59 9.90 0.34
N VAL A 87 16.01 8.78 -0.06
CA VAL A 87 14.74 8.79 -0.72
C VAL A 87 13.67 9.50 0.10
N ILE A 88 13.68 9.31 1.41
CA ILE A 88 12.67 9.94 2.25
C ILE A 88 12.85 11.44 2.31
N ALA A 89 14.00 11.89 2.80
CA ALA A 89 14.28 13.31 2.93
C ALA A 89 14.19 14.03 1.58
N ASP A 90 14.71 13.39 0.53
CA ASP A 90 14.68 13.95 -0.81
C ASP A 90 13.29 13.97 -1.46
N TYR A 91 12.57 12.85 -1.36
CA TYR A 91 11.32 12.74 -2.09
C TYR A 91 10.03 12.67 -1.27
N ASN A 92 10.12 12.67 0.06
CA ASN A 92 8.89 12.52 0.86
C ASN A 92 8.60 13.59 1.90
N TYR A 93 9.58 13.88 2.73
CA TYR A 93 9.41 14.86 3.78
C TYR A 93 10.77 15.51 4.07
N LYS A 94 10.90 16.80 3.73
CA LYS A 94 12.18 17.48 3.83
C LYS A 94 12.21 18.54 4.90
N LEU A 95 13.28 18.57 5.69
CA LEU A 95 13.47 19.57 6.73
C LEU A 95 14.56 20.57 6.29
N PRO A 96 14.37 21.86 6.61
CA PRO A 96 15.31 22.90 6.22
C PRO A 96 16.57 22.85 7.06
N ASP A 97 17.63 23.47 6.55
CA ASP A 97 18.92 23.49 7.24
C ASP A 97 18.82 24.29 8.53
N ASP A 98 17.94 25.28 8.54
CA ASP A 98 17.73 26.14 9.69
C ASP A 98 16.56 25.67 10.54
N PHE A 99 16.14 24.42 10.33
CA PHE A 99 15.00 23.87 11.06
C PHE A 99 15.05 24.16 12.54
N MET A 100 13.90 24.53 13.09
CA MET A 100 13.79 24.83 14.51
C MET A 100 12.62 24.07 15.10
N GLY A 101 12.91 22.95 15.74
CA GLY A 101 11.88 22.10 16.34
C GLY A 101 12.40 20.74 16.75
N CYS A 102 11.49 19.84 17.10
CA CYS A 102 11.86 18.51 17.59
C CYS A 102 11.27 17.36 16.78
N VAL A 103 12.08 16.35 16.53
CA VAL A 103 11.65 15.16 15.81
C VAL A 103 11.44 14.03 16.81
N LEU A 104 10.25 13.43 16.77
CA LEU A 104 9.95 12.33 17.67
C LEU A 104 9.65 11.08 16.86
N ALA A 105 10.11 9.93 17.37
CA ALA A 105 9.90 8.65 16.70
C ALA A 105 9.79 7.54 17.69
N TRP A 106 9.12 6.47 17.30
CA TRP A 106 9.03 5.29 18.16
C TRP A 106 8.63 4.03 17.40
N ASN A 107 9.14 2.90 17.86
CA ASN A 107 8.86 1.60 17.26
C ASN A 107 7.41 1.20 17.44
N THR A 108 6.77 0.79 16.35
CA THR A 108 5.35 0.41 16.42
C THR A 108 5.08 -0.91 15.72
N ARG A 109 6.06 -1.79 15.75
CA ARG A 109 5.91 -3.14 15.21
C ARG A 109 4.62 -3.80 15.75
N ASN A 110 4.44 -3.72 17.06
CA ASN A 110 3.31 -4.36 17.70
C ASN A 110 1.95 -3.97 17.12
N ILE A 111 1.84 -2.78 16.54
CA ILE A 111 0.55 -2.37 15.99
C ILE A 111 0.54 -2.14 14.49
N ASP A 112 1.72 -2.01 13.89
CA ASP A 112 1.82 -1.70 12.46
C ASP A 112 2.38 -2.84 11.61
N ALA A 113 3.03 -3.80 12.25
CA ALA A 113 3.56 -4.93 11.51
C ALA A 113 2.54 -6.06 11.60
N THR A 114 2.60 -6.99 10.66
CA THR A 114 1.62 -8.06 10.60
C THR A 114 2.32 -9.33 10.18
N SER A 115 1.78 -10.47 10.58
CA SER A 115 2.42 -11.73 10.25
C SER A 115 2.35 -12.02 8.76
N THR A 116 1.31 -11.54 8.10
CA THR A 116 1.17 -11.74 6.65
C THR A 116 1.68 -10.54 5.86
N GLY A 117 2.01 -9.47 6.57
CA GLY A 117 2.58 -8.27 5.94
C GLY A 117 1.62 -7.13 5.76
N ASN A 118 1.98 -5.97 6.31
CA ASN A 118 1.16 -4.77 6.17
C ASN A 118 1.78 -3.81 5.16
N TYR A 119 1.07 -3.58 4.06
CA TYR A 119 1.56 -2.75 2.99
C TYR A 119 0.85 -1.41 2.84
N ASN A 120 0.13 -0.98 3.88
CA ASN A 120 -0.61 0.28 3.81
C ASN A 120 0.27 1.52 3.70
N TYR A 121 1.47 1.45 4.26
CA TYR A 121 2.38 2.60 4.24
C TYR A 121 3.27 2.61 3.02
N LYS A 122 3.40 3.78 2.41
CA LYS A 122 4.19 3.88 1.20
C LYS A 122 5.06 5.12 1.12
N TYR A 123 6.02 5.06 0.20
CA TYR A 123 6.93 6.17 0.00
C TYR A 123 7.23 6.41 -1.48
N ARG A 124 7.51 7.65 -1.82
CA ARG A 124 7.91 7.99 -3.18
C ARG A 124 9.40 7.70 -3.34
N TYR A 125 9.76 6.96 -4.39
CA TYR A 125 11.16 6.65 -4.62
C TYR A 125 11.69 7.17 -5.96
N LEU A 126 10.80 7.77 -6.75
CA LEU A 126 11.20 8.36 -8.02
C LEU A 126 10.59 9.75 -8.19
N ARG A 127 11.44 10.74 -8.49
CA ARG A 127 10.97 12.11 -8.68
C ARG A 127 12.03 12.98 -9.37
N HIS A 128 11.58 13.77 -10.35
CA HIS A 128 12.45 14.74 -10.97
C HIS A 128 12.66 15.90 -9.99
N GLY A 129 13.81 15.92 -9.31
CA GLY A 129 14.10 17.01 -8.37
C GLY A 129 13.61 16.72 -6.96
N LYS A 130 14.43 17.12 -5.99
CA LYS A 130 14.15 16.89 -4.58
C LYS A 130 13.08 17.83 -4.05
N LEU A 131 12.41 17.44 -2.97
CA LEU A 131 11.40 18.30 -2.36
C LEU A 131 12.06 19.49 -1.68
N ARG A 132 11.36 20.61 -1.68
CA ARG A 132 11.81 21.76 -0.94
C ARG A 132 11.27 21.61 0.48
N PRO A 133 12.00 22.14 1.46
CA PRO A 133 11.58 22.08 2.85
C PRO A 133 10.06 22.15 3.04
N PHE A 134 9.49 21.19 3.76
CA PHE A 134 8.06 21.15 4.06
C PHE A 134 7.14 21.08 2.85
N GLU A 135 7.66 20.65 1.71
CA GLU A 135 6.83 20.50 0.54
C GLU A 135 6.12 19.15 0.64
N ARG A 136 5.06 18.94 -0.14
CA ARG A 136 4.34 17.67 -0.08
C ARG A 136 3.89 17.30 -1.47
N ASP A 137 4.20 16.07 -1.90
CA ASP A 137 3.83 15.63 -3.24
C ASP A 137 3.08 14.31 -3.18
N ILE A 138 1.82 14.33 -3.63
CA ILE A 138 1.02 13.12 -3.64
C ILE A 138 0.55 12.77 -5.05
N SER A 139 1.32 13.19 -6.04
CA SER A 139 0.97 13.04 -7.45
C SER A 139 0.70 11.62 -7.96
N ASN A 140 1.67 10.72 -7.82
CA ASN A 140 1.54 9.38 -8.41
C ASN A 140 1.32 9.39 -9.94
N VAL A 141 2.26 9.96 -10.68
CA VAL A 141 2.19 10.04 -12.15
C VAL A 141 3.37 9.30 -12.79
N PRO A 142 3.09 8.44 -13.78
CA PRO A 142 4.12 7.61 -14.41
C PRO A 142 5.43 8.36 -14.61
N PHE A 143 6.54 7.74 -14.20
CA PHE A 143 7.86 8.37 -14.26
C PHE A 143 8.66 7.93 -15.48
N SER A 144 9.39 8.89 -16.05
CA SER A 144 10.26 8.62 -17.20
C SER A 144 11.58 9.34 -16.96
N PRO A 145 12.66 8.57 -16.87
CA PRO A 145 13.98 9.14 -16.58
C PRO A 145 14.32 10.27 -17.56
N ASP A 146 13.77 10.17 -18.77
CA ASP A 146 13.98 11.17 -19.79
C ASP A 146 13.38 12.50 -19.36
N GLY A 147 12.11 12.48 -18.99
CA GLY A 147 11.40 13.69 -18.56
C GLY A 147 10.10 13.82 -19.31
N LYS A 148 9.92 12.97 -20.33
CA LYS A 148 8.72 12.99 -21.15
C LYS A 148 7.57 12.21 -20.50
N PRO A 149 6.33 12.58 -20.81
CA PRO A 149 5.19 11.88 -20.22
C PRO A 149 4.98 10.55 -20.93
N CYS A 150 4.92 9.47 -20.15
CA CYS A 150 4.75 8.14 -20.72
C CYS A 150 3.55 7.46 -20.09
N THR A 151 3.02 6.45 -20.76
CA THR A 151 1.89 5.71 -20.24
C THR A 151 2.28 4.24 -20.19
N PRO A 152 2.26 3.65 -18.98
CA PRO A 152 2.53 2.23 -18.86
C PRO A 152 1.46 1.46 -19.64
N PRO A 153 1.81 0.29 -20.18
CA PRO A 153 3.06 -0.45 -20.00
C PRO A 153 4.22 -0.07 -20.94
N ALA A 154 4.37 1.21 -21.27
CA ALA A 154 5.49 1.65 -22.09
C ALA A 154 6.82 1.35 -21.40
N LEU A 155 7.89 1.24 -22.18
CA LEU A 155 9.22 0.99 -21.64
C LEU A 155 9.74 2.31 -21.09
N ASN A 156 10.63 2.26 -20.12
CA ASN A 156 11.15 3.49 -19.53
C ASN A 156 10.11 4.20 -18.69
N CYS A 157 8.98 3.56 -18.46
CA CYS A 157 7.93 4.19 -17.66
C CYS A 157 7.75 3.42 -16.36
N TYR A 158 7.84 4.12 -15.24
CA TYR A 158 7.80 3.49 -13.93
C TYR A 158 6.86 4.18 -12.96
N TRP A 159 6.43 3.44 -11.94
CA TRP A 159 5.59 4.03 -10.92
C TRP A 159 6.46 4.53 -9.77
N PRO A 160 6.27 5.80 -9.38
CA PRO A 160 7.10 6.50 -8.41
C PRO A 160 6.89 6.08 -6.97
N LEU A 161 5.86 5.28 -6.71
CA LEU A 161 5.57 4.91 -5.33
C LEU A 161 5.85 3.45 -5.03
N ASN A 162 6.34 3.19 -3.82
CA ASN A 162 6.55 1.82 -3.34
C ASN A 162 5.97 1.64 -1.93
N ASP A 163 5.46 0.45 -1.65
CA ASP A 163 4.92 0.12 -0.33
C ASP A 163 6.01 -0.43 0.59
N TYR A 164 6.20 0.20 1.75
CA TYR A 164 6.99 -0.42 2.81
C TYR A 164 6.25 -1.72 3.11
N GLY A 165 6.97 -2.81 3.31
CA GLY A 165 6.34 -4.09 3.65
C GLY A 165 6.65 -4.50 5.09
N PHE A 166 5.77 -4.14 6.00
CA PHE A 166 6.00 -4.41 7.43
C PHE A 166 5.53 -5.78 7.93
N TYR A 167 6.46 -6.72 7.96
CA TYR A 167 6.18 -8.06 8.45
C TYR A 167 6.61 -8.18 9.91
N THR A 168 6.06 -9.19 10.56
CA THR A 168 6.35 -9.43 11.95
C THR A 168 7.72 -10.08 12.10
N THR A 169 8.32 -10.51 10.99
CA THR A 169 9.63 -11.16 11.03
C THR A 169 10.81 -10.28 10.64
N THR A 170 10.59 -9.08 10.10
CA THR A 170 11.73 -8.27 9.70
C THR A 170 12.49 -7.69 10.89
N GLY A 171 13.80 -7.58 10.74
CA GLY A 171 14.70 -7.00 11.75
C GLY A 171 14.37 -5.55 12.06
N ILE A 172 15.04 -4.99 13.06
CA ILE A 172 14.69 -3.66 13.56
C ILE A 172 14.78 -2.56 12.53
N GLY A 173 15.70 -2.74 11.59
CA GLY A 173 15.93 -1.75 10.55
C GLY A 173 14.72 -1.55 9.66
N TYR A 174 14.01 -2.63 9.37
CA TYR A 174 12.86 -2.57 8.47
C TYR A 174 11.53 -2.59 9.21
N GLN A 175 11.53 -2.16 10.46
CA GLN A 175 10.31 -2.18 11.25
C GLN A 175 9.62 -0.82 11.22
N PRO A 176 8.30 -0.82 11.40
CA PRO A 176 7.53 0.42 11.40
C PRO A 176 7.81 1.32 12.61
N TYR A 177 8.10 2.58 12.33
CA TYR A 177 8.28 3.60 13.36
C TYR A 177 7.32 4.72 13.05
N ARG A 178 6.54 5.11 14.04
CA ARG A 178 5.67 6.25 13.88
C ARG A 178 6.49 7.48 14.17
N VAL A 179 6.24 8.55 13.44
CA VAL A 179 7.03 9.77 13.56
C VAL A 179 6.13 10.97 13.72
N VAL A 180 6.56 11.91 14.56
CA VAL A 180 5.87 13.18 14.70
C VAL A 180 6.91 14.29 14.76
N VAL A 181 6.82 15.21 13.81
CA VAL A 181 7.76 16.33 13.69
C VAL A 181 7.10 17.60 14.19
N LEU A 182 7.73 18.28 15.13
CA LEU A 182 7.18 19.51 15.70
C LEU A 182 7.89 20.77 15.24
N SER A 183 7.17 21.62 14.52
CA SER A 183 7.74 22.86 14.01
C SER A 183 7.23 24.06 14.80
N PHE A 184 8.07 25.07 14.95
CA PHE A 184 7.67 26.30 15.62
C PHE A 184 7.91 27.50 14.68
N CYS B 6 -22.15 -28.96 -3.36
CA CYS B 6 -20.92 -28.48 -4.05
C CYS B 6 -20.74 -26.97 -3.88
N PRO B 7 -19.81 -26.56 -3.00
CA PRO B 7 -19.54 -25.16 -2.60
C PRO B 7 -19.02 -24.23 -3.71
N PHE B 8 -19.61 -23.04 -3.78
CA PHE B 8 -19.22 -21.99 -4.74
C PHE B 8 -19.36 -20.61 -4.11
N GLY B 9 -20.35 -20.45 -3.24
CA GLY B 9 -20.56 -19.18 -2.56
C GLY B 9 -19.37 -18.77 -1.72
N GLU B 10 -18.45 -19.71 -1.52
CA GLU B 10 -17.25 -19.46 -0.74
C GLU B 10 -16.17 -18.85 -1.63
N VAL B 11 -16.43 -18.88 -2.94
CA VAL B 11 -15.52 -18.31 -3.91
C VAL B 11 -16.08 -16.99 -4.39
N PHE B 12 -17.32 -17.03 -4.88
CA PHE B 12 -17.97 -15.84 -5.42
C PHE B 12 -18.39 -14.82 -4.36
N ASN B 13 -18.86 -15.31 -3.22
CA ASN B 13 -19.31 -14.41 -2.16
C ASN B 13 -18.25 -14.29 -1.06
N ALA B 14 -16.99 -14.41 -1.48
CA ALA B 14 -15.88 -14.30 -0.55
C ALA B 14 -15.69 -12.87 -0.06
N THR B 15 -15.52 -12.72 1.25
CA THR B 15 -15.39 -11.39 1.84
C THR B 15 -14.28 -10.61 1.17
N LYS B 16 -13.13 -11.24 1.00
CA LYS B 16 -12.01 -10.56 0.37
C LYS B 16 -11.40 -11.32 -0.80
N PHE B 17 -10.59 -10.60 -1.56
CA PHE B 17 -9.94 -11.17 -2.73
C PHE B 17 -8.48 -10.77 -2.70
N PRO B 18 -7.62 -11.59 -3.33
CA PRO B 18 -6.20 -11.29 -3.41
C PRO B 18 -5.93 -10.39 -4.60
N SER B 19 -4.67 -9.99 -4.77
CA SER B 19 -4.25 -9.21 -5.92
C SER B 19 -3.94 -10.17 -7.06
N VAL B 20 -4.14 -9.72 -8.29
CA VAL B 20 -3.84 -10.57 -9.47
C VAL B 20 -2.51 -11.29 -9.36
N TYR B 21 -1.45 -10.51 -9.16
CA TYR B 21 -0.11 -11.09 -9.16
C TYR B 21 0.01 -12.20 -8.14
N ALA B 22 -0.75 -12.06 -7.06
CA ALA B 22 -0.78 -13.06 -5.99
C ALA B 22 -2.12 -13.77 -6.02
N TRP B 23 -2.57 -14.13 -7.23
CA TRP B 23 -3.87 -14.77 -7.40
C TRP B 23 -3.93 -16.12 -6.73
N GLU B 24 -5.10 -16.43 -6.16
CA GLU B 24 -5.31 -17.65 -5.41
C GLU B 24 -6.18 -18.64 -6.16
N ARG B 25 -5.99 -19.93 -5.88
CA ARG B 25 -6.76 -20.98 -6.54
C ARG B 25 -7.47 -21.86 -5.53
N LYS B 26 -8.65 -22.33 -5.91
CA LYS B 26 -9.42 -23.23 -5.06
C LYS B 26 -9.89 -24.42 -5.88
N LYS B 27 -9.61 -25.62 -5.37
CA LYS B 27 -9.93 -26.86 -6.07
C LYS B 27 -11.38 -27.33 -5.85
N ILE B 28 -12.12 -27.50 -6.93
CA ILE B 28 -13.49 -28.02 -6.89
C ILE B 28 -13.62 -29.35 -7.64
N SER B 29 -14.07 -30.38 -6.94
CA SER B 29 -14.30 -31.69 -7.55
C SER B 29 -15.20 -32.53 -6.64
N ASN B 30 -15.71 -33.65 -7.16
CA ASN B 30 -16.59 -34.52 -6.40
C ASN B 30 -17.88 -33.81 -6.00
N CYS B 31 -18.67 -33.46 -7.01
CA CYS B 31 -19.94 -32.76 -6.82
C CYS B 31 -20.40 -32.19 -8.15
N VAL B 32 -21.51 -31.46 -8.10
CA VAL B 32 -22.04 -30.77 -9.27
C VAL B 32 -22.78 -29.52 -8.82
N ALA B 33 -23.08 -28.64 -9.77
CA ALA B 33 -23.82 -27.42 -9.48
C ALA B 33 -24.42 -26.85 -10.76
N ASP B 34 -25.47 -26.05 -10.60
CA ASP B 34 -26.09 -25.39 -11.74
C ASP B 34 -25.20 -24.30 -12.29
N TYR B 35 -24.80 -24.43 -13.55
CA TYR B 35 -24.09 -23.36 -14.21
C TYR B 35 -25.14 -22.38 -14.69
N SER B 36 -26.30 -22.46 -14.06
CA SER B 36 -27.40 -21.53 -14.29
C SER B 36 -27.19 -20.40 -13.31
N VAL B 37 -26.52 -20.73 -12.21
CA VAL B 37 -26.22 -19.75 -11.15
C VAL B 37 -25.37 -18.61 -11.70
N LEU B 38 -25.05 -18.71 -12.99
CA LEU B 38 -24.28 -17.68 -13.68
C LEU B 38 -24.76 -17.49 -15.13
N SER B 41 -26.78 -14.50 -14.82
CA SER B 41 -27.27 -13.59 -13.78
C SER B 41 -27.02 -12.13 -14.14
N THR B 42 -27.70 -11.23 -13.43
CA THR B 42 -27.53 -9.79 -13.57
C THR B 42 -26.30 -9.38 -12.75
N PHE B 43 -25.91 -10.29 -11.86
CA PHE B 43 -24.79 -10.07 -10.96
C PHE B 43 -23.47 -9.86 -11.70
N PHE B 44 -23.26 -10.58 -12.81
CA PHE B 44 -21.99 -10.49 -13.54
C PHE B 44 -22.01 -9.54 -14.72
N SER B 45 -20.87 -8.92 -14.97
CA SER B 45 -20.73 -7.96 -16.06
C SER B 45 -20.01 -8.61 -17.23
N THR B 46 -19.24 -9.66 -16.93
CA THR B 46 -18.47 -10.35 -17.94
C THR B 46 -18.53 -11.84 -17.67
N PHE B 47 -19.13 -12.59 -18.60
CA PHE B 47 -19.24 -14.03 -18.50
C PHE B 47 -19.02 -14.69 -19.86
N LYS B 48 -17.76 -14.98 -20.19
CA LYS B 48 -17.40 -15.53 -21.49
C LYS B 48 -16.62 -16.84 -21.38
N CYS B 49 -17.09 -17.87 -22.09
CA CYS B 49 -16.48 -19.20 -22.02
C CYS B 49 -15.62 -19.51 -23.23
N TYR B 50 -14.58 -20.30 -23.01
CA TYR B 50 -13.64 -20.64 -24.07
C TYR B 50 -13.41 -22.15 -24.18
N GLY B 51 -13.14 -22.61 -25.40
CA GLY B 51 -12.88 -24.03 -25.66
C GLY B 51 -14.13 -24.89 -25.52
N VAL B 52 -15.02 -24.48 -24.62
CA VAL B 52 -16.30 -25.14 -24.41
C VAL B 52 -17.37 -24.13 -24.80
N SER B 53 -18.62 -24.57 -24.82
CA SER B 53 -19.71 -23.68 -25.15
C SER B 53 -20.38 -23.16 -23.87
N ALA B 54 -20.61 -21.86 -23.81
CA ALA B 54 -21.28 -21.26 -22.67
C ALA B 54 -22.69 -21.84 -22.46
N THR B 55 -23.30 -22.29 -23.55
CA THR B 55 -24.65 -22.86 -23.50
C THR B 55 -24.70 -24.35 -23.16
N LYS B 56 -23.69 -25.10 -23.61
CA LYS B 56 -23.62 -26.54 -23.35
C LYS B 56 -22.67 -26.81 -22.18
N LEU B 57 -23.09 -26.47 -20.97
CA LEU B 57 -22.25 -26.66 -19.79
C LEU B 57 -22.74 -27.79 -18.88
N ASN B 58 -24.01 -27.71 -18.47
CA ASN B 58 -24.61 -28.72 -17.63
C ASN B 58 -24.63 -30.09 -18.31
N ASP B 59 -24.09 -30.15 -19.52
CA ASP B 59 -24.09 -31.37 -20.33
C ASP B 59 -22.75 -32.11 -20.34
N LEU B 60 -21.84 -31.76 -19.45
CA LEU B 60 -20.49 -32.36 -19.48
C LEU B 60 -19.94 -32.78 -18.11
N CYS B 61 -19.09 -33.80 -18.11
CA CYS B 61 -18.39 -34.24 -16.90
C CYS B 61 -16.99 -33.67 -16.81
N PHE B 62 -16.59 -33.28 -15.60
CA PHE B 62 -15.28 -32.70 -15.38
C PHE B 62 -14.57 -33.39 -14.22
N SER B 63 -13.45 -34.04 -14.51
CA SER B 63 -12.67 -34.69 -13.47
C SER B 63 -12.08 -33.64 -12.53
N ASN B 64 -11.92 -32.42 -13.04
CA ASN B 64 -11.42 -31.30 -12.24
C ASN B 64 -11.94 -29.92 -12.65
N VAL B 65 -12.21 -29.09 -11.65
CA VAL B 65 -12.60 -27.70 -11.85
C VAL B 65 -11.73 -26.81 -10.95
N TYR B 66 -11.20 -25.74 -11.51
CA TYR B 66 -10.35 -24.83 -10.73
C TYR B 66 -10.83 -23.39 -10.78
N ALA B 67 -11.03 -22.82 -9.59
CA ALA B 67 -11.49 -21.44 -9.48
C ALA B 67 -10.35 -20.52 -9.06
N ASP B 68 -10.11 -19.47 -9.84
CA ASP B 68 -9.06 -18.51 -9.56
C ASP B 68 -9.65 -17.15 -9.21
N SER B 69 -9.27 -16.61 -8.06
CA SER B 69 -9.83 -15.36 -7.58
C SER B 69 -8.79 -14.25 -7.59
N PHE B 70 -9.26 -13.04 -7.84
CA PHE B 70 -8.42 -11.86 -7.78
C PHE B 70 -9.16 -10.63 -8.25
N VAL B 71 -8.50 -9.49 -8.16
CA VAL B 71 -9.07 -8.21 -8.53
C VAL B 71 -8.22 -7.49 -9.57
N VAL B 72 -8.87 -6.88 -10.57
CA VAL B 72 -8.21 -6.03 -11.55
C VAL B 72 -9.13 -4.85 -11.86
N LYS B 73 -8.56 -3.81 -12.44
CA LYS B 73 -9.31 -2.65 -12.85
C LYS B 73 -10.20 -2.97 -14.05
N GLY B 74 -11.26 -2.20 -14.23
CA GLY B 74 -12.20 -2.42 -15.33
C GLY B 74 -11.54 -2.64 -16.67
N ASP B 75 -10.82 -1.63 -17.13
CA ASP B 75 -10.18 -1.72 -18.44
C ASP B 75 -9.23 -2.91 -18.57
N ASP B 76 -8.79 -3.48 -17.45
CA ASP B 76 -7.85 -4.60 -17.50
C ASP B 76 -8.53 -5.96 -17.55
N VAL B 77 -9.85 -5.98 -17.53
CA VAL B 77 -10.56 -7.24 -17.57
C VAL B 77 -10.37 -7.98 -18.90
N ARG B 78 -10.50 -7.25 -20.00
CA ARG B 78 -10.38 -7.87 -21.32
C ARG B 78 -9.05 -8.59 -21.52
N GLN B 79 -8.11 -8.41 -20.57
CA GLN B 79 -6.84 -9.14 -20.60
C GLN B 79 -6.96 -10.56 -20.02
N ILE B 80 -8.10 -10.89 -19.44
CA ILE B 80 -8.31 -12.24 -18.92
C ILE B 80 -8.99 -13.11 -19.98
N ALA B 81 -8.22 -13.47 -21.00
CA ALA B 81 -8.68 -14.29 -22.10
C ALA B 81 -7.45 -14.74 -22.90
N PRO B 82 -7.61 -15.82 -23.68
CA PRO B 82 -6.49 -16.32 -24.46
C PRO B 82 -5.97 -15.30 -25.47
N GLY B 83 -4.70 -15.41 -25.82
CA GLY B 83 -4.07 -14.53 -26.82
C GLY B 83 -4.12 -13.04 -26.50
N GLN B 84 -4.18 -12.70 -25.22
CA GLN B 84 -4.22 -11.30 -24.83
C GLN B 84 -2.84 -10.79 -24.40
N THR B 85 -2.60 -9.51 -24.65
CA THR B 85 -1.34 -8.87 -24.32
C THR B 85 -1.59 -7.71 -23.38
N GLY B 86 -0.71 -7.54 -22.40
CA GLY B 86 -0.85 -6.45 -21.45
C GLY B 86 -0.15 -6.80 -20.16
N VAL B 87 0.03 -5.81 -19.31
CA VAL B 87 0.68 -5.98 -18.03
C VAL B 87 0.10 -7.17 -17.27
N ILE B 88 -1.23 -7.27 -17.25
CA ILE B 88 -1.85 -8.30 -16.46
C ILE B 88 -1.60 -9.68 -17.07
N ALA B 89 -2.04 -9.85 -18.31
CA ALA B 89 -1.87 -11.14 -18.99
C ALA B 89 -0.41 -11.56 -19.00
N ASP B 90 0.47 -10.59 -19.29
CA ASP B 90 1.90 -10.83 -19.40
C ASP B 90 2.58 -11.13 -18.08
N TYR B 91 2.30 -10.35 -17.05
CA TYR B 91 3.03 -10.47 -15.80
C TYR B 91 2.26 -10.91 -14.56
N ASN B 92 0.96 -11.15 -14.69
CA ASN B 92 0.19 -11.45 -13.48
C ASN B 92 -0.62 -12.75 -13.51
N TYR B 93 -1.42 -12.95 -14.55
CA TYR B 93 -2.21 -14.17 -14.67
C TYR B 93 -2.47 -14.44 -16.14
N LYS B 94 -1.91 -15.54 -16.64
CA LYS B 94 -1.95 -15.83 -18.07
C LYS B 94 -2.78 -17.06 -18.42
N LEU B 95 -3.63 -16.91 -19.44
CA LEU B 95 -4.43 -18.02 -19.93
C LEU B 95 -3.83 -18.58 -21.23
N PRO B 96 -3.90 -19.90 -21.41
CA PRO B 96 -3.36 -20.56 -22.59
C PRO B 96 -4.22 -20.32 -23.82
N ASP B 97 -3.65 -20.52 -25.00
CA ASP B 97 -4.38 -20.31 -26.23
C ASP B 97 -5.49 -21.35 -26.37
N ASP B 98 -5.25 -22.53 -25.79
CA ASP B 98 -6.22 -23.62 -25.86
C ASP B 98 -7.11 -23.65 -24.63
N PHE B 99 -7.13 -22.56 -23.89
CA PHE B 99 -7.89 -22.48 -22.64
C PHE B 99 -9.29 -23.05 -22.79
N MET B 100 -9.72 -23.81 -21.79
CA MET B 100 -11.06 -24.41 -21.78
C MET B 100 -11.74 -24.13 -20.45
N GLY B 101 -12.58 -23.10 -20.44
CA GLY B 101 -13.27 -22.69 -19.22
C GLY B 101 -13.94 -21.34 -19.37
N CYS B 102 -14.46 -20.81 -18.24
CA CYS B 102 -15.18 -19.55 -18.28
C CYS B 102 -14.59 -18.49 -17.36
N VAL B 103 -14.62 -17.25 -17.84
CA VAL B 103 -14.10 -16.11 -17.12
C VAL B 103 -15.27 -15.29 -16.61
N LEU B 104 -15.32 -15.06 -15.31
CA LEU B 104 -16.38 -14.26 -14.74
C LEU B 104 -15.83 -13.02 -14.08
N ALA B 105 -16.56 -11.92 -14.20
CA ALA B 105 -16.13 -10.65 -13.67
C ALA B 105 -17.31 -9.80 -13.25
N TRP B 106 -17.10 -8.89 -12.30
CA TRP B 106 -18.16 -7.98 -11.89
C TRP B 106 -17.64 -6.77 -11.14
N ASN B 107 -18.34 -5.65 -11.31
CA ASN B 107 -17.96 -4.38 -10.69
C ASN B 107 -18.16 -4.38 -9.18
N THR B 108 -17.11 -4.03 -8.45
CA THR B 108 -17.18 -4.02 -7.00
C THR B 108 -16.76 -2.71 -6.36
N ARG B 109 -17.00 -1.60 -7.07
CA ARG B 109 -16.71 -0.28 -6.54
C ARG B 109 -17.33 -0.13 -5.15
N ASN B 110 -18.60 -0.48 -5.02
CA ASN B 110 -19.30 -0.31 -3.75
C ASN B 110 -18.61 -0.94 -2.54
N ILE B 111 -17.84 -2.01 -2.75
CA ILE B 111 -17.15 -2.65 -1.63
C ILE B 111 -15.63 -2.58 -1.66
N ASP B 112 -15.06 -2.23 -2.81
CA ASP B 112 -13.61 -2.23 -2.96
C ASP B 112 -12.98 -0.85 -3.20
N ALA B 113 -13.80 0.13 -3.56
CA ALA B 113 -13.27 1.47 -3.73
C ALA B 113 -13.59 2.26 -2.48
N THR B 114 -12.81 3.31 -2.23
CA THR B 114 -12.93 4.09 -1.01
C THR B 114 -12.81 5.56 -1.34
N SER B 115 -13.45 6.41 -0.54
CA SER B 115 -13.40 7.85 -0.78
C SER B 115 -11.99 8.42 -0.62
N THR B 116 -11.18 7.83 0.24
CA THR B 116 -9.79 8.28 0.37
C THR B 116 -8.80 7.38 -0.37
N GLY B 117 -9.31 6.31 -0.96
CA GLY B 117 -8.49 5.42 -1.78
C GLY B 117 -8.10 4.10 -1.16
N ASN B 118 -8.40 3.01 -1.86
CA ASN B 118 -8.01 1.68 -1.41
C ASN B 118 -6.83 1.19 -2.26
N TYR B 119 -5.69 0.96 -1.61
CA TYR B 119 -4.51 0.52 -2.31
C TYR B 119 -4.09 -0.92 -1.98
N ASN B 120 -5.01 -1.71 -1.45
CA ASN B 120 -4.65 -3.07 -1.06
C ASN B 120 -4.33 -3.96 -2.25
N TYR B 121 -4.94 -3.65 -3.38
CA TYR B 121 -4.76 -4.47 -4.57
C TYR B 121 -3.58 -4.03 -5.43
N LYS B 122 -2.77 -5.01 -5.83
CA LYS B 122 -1.55 -4.72 -6.56
C LYS B 122 -1.29 -5.60 -7.76
N TYR B 123 -0.44 -5.11 -8.66
CA TYR B 123 -0.09 -5.89 -9.84
C TYR B 123 1.38 -5.73 -10.20
N ARG B 124 1.94 -6.77 -10.81
CA ARG B 124 3.33 -6.71 -11.26
C ARG B 124 3.36 -5.99 -12.58
N TYR B 125 4.25 -5.01 -12.72
CA TYR B 125 4.39 -4.28 -13.99
C TYR B 125 5.77 -4.40 -14.61
N LEU B 126 6.70 -5.05 -13.91
CA LEU B 126 8.06 -5.25 -14.41
C LEU B 126 8.53 -6.67 -14.20
N ARG B 127 9.01 -7.31 -15.26
CA ARG B 127 9.50 -8.68 -15.16
C ARG B 127 10.23 -9.10 -16.42
N HIS B 128 11.35 -9.79 -16.24
CA HIS B 128 12.09 -10.33 -17.38
C HIS B 128 11.33 -11.55 -17.87
N GLY B 129 10.64 -11.42 -18.99
CA GLY B 129 9.90 -12.55 -19.54
C GLY B 129 8.48 -12.67 -19.04
N LYS B 130 7.57 -12.97 -19.95
CA LYS B 130 6.15 -13.07 -19.64
C LYS B 130 5.86 -14.38 -18.90
N LEU B 131 4.75 -14.41 -18.18
CA LEU B 131 4.38 -15.61 -17.44
C LEU B 131 3.88 -16.67 -18.41
N ARG B 132 4.14 -17.92 -18.04
CA ARG B 132 3.60 -19.03 -18.79
C ARG B 132 2.20 -19.31 -18.25
N PRO B 133 1.31 -19.77 -19.12
CA PRO B 133 -0.05 -20.11 -18.74
C PRO B 133 -0.16 -20.62 -17.30
N PHE B 134 -1.04 -20.02 -16.50
CA PHE B 134 -1.28 -20.46 -15.12
C PHE B 134 -0.07 -20.40 -14.19
N GLU B 135 0.95 -19.63 -14.55
CA GLU B 135 2.10 -19.47 -13.68
C GLU B 135 1.75 -18.43 -12.63
N ARG B 136 2.53 -18.35 -11.56
CA ARG B 136 2.27 -17.40 -10.49
C ARG B 136 3.59 -16.89 -9.91
N ASP B 137 3.79 -15.58 -9.91
CA ASP B 137 5.05 -15.01 -9.39
C ASP B 137 4.79 -13.94 -8.34
N ILE B 138 5.21 -14.23 -7.11
CA ILE B 138 5.00 -13.31 -5.99
C ILE B 138 6.33 -12.82 -5.43
N SER B 139 7.35 -12.80 -6.27
CA SER B 139 8.72 -12.51 -5.87
C SER B 139 8.99 -11.14 -5.22
N ASN B 140 8.60 -10.07 -5.89
CA ASN B 140 8.99 -8.73 -5.46
C ASN B 140 10.49 -8.52 -5.21
N VAL B 141 11.30 -8.70 -6.25
CA VAL B 141 12.75 -8.48 -6.14
C VAL B 141 13.17 -7.33 -7.06
N PRO B 142 13.93 -6.37 -6.54
CA PRO B 142 14.30 -5.18 -7.30
C PRO B 142 14.68 -5.49 -8.75
N PHE B 143 14.13 -4.70 -9.67
CA PHE B 143 14.26 -4.91 -11.10
C PHE B 143 15.35 -4.05 -11.74
N SER B 144 16.11 -4.65 -12.67
CA SER B 144 17.11 -3.92 -13.43
C SER B 144 16.95 -4.29 -14.91
N PRO B 145 16.66 -3.30 -15.76
CA PRO B 145 16.44 -3.60 -17.18
C PRO B 145 17.63 -4.34 -17.79
N ASP B 146 18.81 -4.14 -17.22
CA ASP B 146 20.03 -4.84 -17.65
C ASP B 146 19.87 -6.34 -17.48
N GLY B 147 19.53 -6.73 -16.25
CA GLY B 147 19.37 -8.15 -15.91
C GLY B 147 20.17 -8.48 -14.67
N LYS B 148 21.03 -7.56 -14.27
CA LYS B 148 21.86 -7.72 -13.09
C LYS B 148 21.09 -7.43 -11.80
N PRO B 149 21.47 -8.08 -10.69
CA PRO B 149 20.84 -7.80 -9.41
C PRO B 149 21.31 -6.47 -8.84
N CYS B 150 20.34 -5.61 -8.51
CA CYS B 150 20.64 -4.29 -7.96
C CYS B 150 19.95 -4.10 -6.62
N THR B 151 20.48 -3.18 -5.81
CA THR B 151 19.89 -2.86 -4.53
C THR B 151 19.51 -1.38 -4.51
N PRO B 152 18.21 -1.08 -4.38
CA PRO B 152 17.83 0.32 -4.29
C PRO B 152 18.40 0.91 -3.01
N PRO B 153 18.62 2.24 -2.99
CA PRO B 153 18.32 3.21 -4.05
C PRO B 153 19.30 3.33 -5.23
N ALA B 154 19.85 2.22 -5.71
CA ALA B 154 20.73 2.28 -6.87
C ALA B 154 19.94 2.83 -8.05
N LEU B 155 20.64 3.36 -9.04
CA LEU B 155 20.00 3.85 -10.26
C LEU B 155 19.70 2.66 -11.15
N ASN B 156 18.66 2.78 -11.97
CA ASN B 156 18.25 1.69 -12.86
C ASN B 156 17.70 0.52 -12.09
N CYS B 157 17.37 0.77 -10.83
CA CYS B 157 16.81 -0.24 -9.96
C CYS B 157 15.37 0.17 -9.61
N TYR B 158 14.42 -0.72 -9.92
CA TYR B 158 13.00 -0.38 -9.74
C TYR B 158 12.20 -1.48 -9.02
N TRP B 159 11.08 -1.10 -8.42
CA TRP B 159 10.19 -2.07 -7.78
C TRP B 159 9.15 -2.53 -8.78
N PRO B 160 9.09 -3.85 -9.00
CA PRO B 160 8.22 -4.51 -9.99
C PRO B 160 6.73 -4.43 -9.70
N LEU B 161 6.36 -4.03 -8.48
CA LEU B 161 4.94 -4.02 -8.11
C LEU B 161 4.31 -2.63 -7.96
N ASN B 162 3.10 -2.49 -8.46
CA ASN B 162 2.36 -1.24 -8.29
C ASN B 162 0.98 -1.49 -7.71
N ASP B 163 0.49 -0.50 -6.96
CA ASP B 163 -0.84 -0.59 -6.35
C ASP B 163 -1.91 0.03 -7.23
N TYR B 164 -2.90 -0.76 -7.63
CA TYR B 164 -4.10 -0.18 -8.20
C TYR B 164 -4.62 0.78 -7.12
N GLY B 165 -5.03 1.98 -7.51
CA GLY B 165 -5.58 2.95 -6.57
C GLY B 165 -7.07 3.17 -6.80
N PHE B 166 -7.89 2.46 -6.01
CA PHE B 166 -9.35 2.50 -6.18
C PHE B 166 -10.06 3.54 -5.33
N TYR B 167 -10.35 4.67 -5.98
CA TYR B 167 -11.06 5.76 -5.35
C TYR B 167 -12.50 5.73 -5.77
N THR B 168 -13.35 6.37 -4.99
CA THR B 168 -14.76 6.40 -5.28
C THR B 168 -15.05 7.42 -6.42
N THR B 169 -14.05 8.16 -6.84
CA THR B 169 -14.24 9.16 -7.91
C THR B 169 -13.79 8.69 -9.30
N THR B 170 -13.03 7.60 -9.38
CA THR B 170 -12.51 7.13 -10.65
C THR B 170 -13.60 6.58 -11.57
N GLY B 171 -13.45 6.87 -12.87
CA GLY B 171 -14.35 6.39 -13.91
C GLY B 171 -14.39 4.88 -13.99
N ILE B 172 -15.31 4.35 -14.78
CA ILE B 172 -15.53 2.90 -14.81
C ILE B 172 -14.32 2.10 -15.22
N GLY B 173 -13.48 2.69 -16.07
CA GLY B 173 -12.28 2.01 -16.56
C GLY B 173 -11.32 1.65 -15.45
N TYR B 174 -11.21 2.53 -14.46
CA TYR B 174 -10.30 2.34 -13.34
C TYR B 174 -10.98 1.89 -12.04
N GLN B 175 -12.13 1.24 -12.17
CA GLN B 175 -12.85 0.76 -10.99
C GLN B 175 -12.53 -0.70 -10.72
N PRO B 176 -12.64 -1.11 -9.46
CA PRO B 176 -12.37 -2.47 -9.07
C PRO B 176 -13.40 -3.46 -9.58
N TYR B 177 -12.90 -4.53 -10.20
CA TYR B 177 -13.73 -5.62 -10.64
C TYR B 177 -13.19 -6.88 -10.01
N ARG B 178 -14.06 -7.68 -9.40
CA ARG B 178 -13.60 -8.96 -8.89
C ARG B 178 -13.72 -9.94 -10.02
N VAL B 179 -12.79 -10.89 -10.08
CA VAL B 179 -12.74 -11.82 -11.17
C VAL B 179 -12.62 -13.23 -10.64
N VAL B 180 -13.28 -14.17 -11.33
CA VAL B 180 -13.19 -15.58 -11.00
C VAL B 180 -13.03 -16.34 -12.31
N VAL B 181 -11.93 -17.09 -12.43
CA VAL B 181 -11.65 -17.84 -13.64
C VAL B 181 -11.83 -19.33 -13.39
N LEU B 182 -12.67 -19.97 -14.20
CA LEU B 182 -13.00 -21.39 -14.02
C LEU B 182 -12.32 -22.32 -15.04
N SER B 183 -11.40 -23.15 -14.55
CA SER B 183 -10.66 -24.07 -15.39
C SER B 183 -11.26 -25.45 -15.29
N PHE B 184 -11.39 -26.14 -16.42
CA PHE B 184 -11.97 -27.48 -16.44
C PHE B 184 -10.95 -28.59 -16.74
N GLU B 185 -11.45 -29.82 -16.80
CA GLU B 185 -10.61 -30.98 -17.08
C GLU B 185 -11.50 -32.06 -17.68
N ASP C 1 11.57 -19.77 8.08
CA ASP C 1 12.97 -19.75 8.60
C ASP C 1 13.97 -19.95 7.49
N ILE C 2 14.98 -19.09 7.46
CA ILE C 2 16.05 -19.18 6.47
C ILE C 2 17.11 -20.15 6.95
N LEU C 3 17.37 -21.18 6.16
CA LEU C 3 18.39 -22.16 6.53
C LEU C 3 19.79 -21.74 6.08
N MET C 4 20.74 -21.79 7.01
CA MET C 4 22.12 -21.45 6.70
C MET C 4 22.96 -22.71 6.66
N THR C 5 23.50 -23.02 5.48
CA THR C 5 24.34 -24.20 5.35
C THR C 5 25.81 -23.82 5.36
N GLN C 6 26.49 -24.17 6.46
CA GLN C 6 27.89 -23.84 6.62
C GLN C 6 28.77 -25.04 6.41
N SER C 7 29.78 -24.89 5.57
CA SER C 7 30.73 -25.95 5.27
C SER C 7 32.12 -25.35 5.18
N PRO C 8 33.15 -26.14 5.54
CA PRO C 8 33.01 -27.50 6.01
C PRO C 8 32.75 -27.51 7.51
N SER C 9 32.17 -28.59 8.02
CA SER C 9 31.87 -28.67 9.45
C SER C 9 33.15 -28.78 10.24
N SER C 10 34.18 -29.32 9.62
CA SER C 10 35.48 -29.45 10.26
C SER C 10 36.65 -29.27 9.29
N LEU C 11 37.66 -28.52 9.69
CA LEU C 11 38.81 -28.32 8.82
C LEU C 11 40.15 -28.40 9.55
N SER C 12 41.10 -29.11 8.95
CA SER C 12 42.45 -29.26 9.49
C SER C 12 43.45 -28.45 8.67
N ALA C 13 44.28 -27.67 9.35
CA ALA C 13 45.26 -26.84 8.66
C ALA C 13 46.50 -26.59 9.48
N SER C 14 47.45 -25.86 8.91
CA SER C 14 48.72 -25.56 9.58
C SER C 14 49.08 -24.07 9.51
N LEU C 15 49.83 -23.62 10.50
CA LEU C 15 50.24 -22.21 10.59
C LEU C 15 50.69 -21.64 9.25
N GLY C 16 50.08 -20.53 8.84
CA GLY C 16 50.46 -19.87 7.60
C GLY C 16 49.64 -20.34 6.41
N GLU C 17 48.82 -21.36 6.65
CA GLU C 17 47.96 -21.91 5.60
C GLU C 17 46.79 -20.96 5.35
N ARG C 18 46.27 -20.95 4.12
CA ARG C 18 45.12 -20.11 3.78
C ARG C 18 43.89 -20.98 3.72
N VAL C 19 42.81 -20.52 4.35
CA VAL C 19 41.55 -21.29 4.36
C VAL C 19 40.32 -20.42 4.13
N SER C 20 39.23 -21.07 3.72
CA SER C 20 37.97 -20.37 3.48
C SER C 20 36.76 -21.20 3.92
N LEU C 21 35.85 -20.57 4.67
CA LEU C 21 34.62 -21.22 5.09
C LEU C 21 33.50 -20.65 4.27
N THR C 22 32.48 -21.46 4.01
CA THR C 22 31.38 -21.01 3.18
C THR C 22 30.02 -21.23 3.85
N CYS C 23 29.13 -20.25 3.68
CA CYS C 23 27.81 -20.29 4.27
C CYS C 23 26.81 -19.93 3.18
N ARG C 24 25.94 -20.87 2.83
CA ARG C 24 24.95 -20.66 1.79
C ARG C 24 23.55 -20.43 2.36
N ALA C 25 22.97 -19.27 2.04
CA ALA C 25 21.63 -18.91 2.51
C ALA C 25 20.53 -19.41 1.59
N SER C 26 19.47 -19.98 2.15
CA SER C 26 18.37 -20.49 1.35
C SER C 26 17.47 -19.39 0.79
N GLN C 27 17.69 -18.15 1.25
CA GLN C 27 16.91 -17.02 0.80
C GLN C 27 17.77 -15.78 0.72
N GLU C 28 17.24 -14.73 0.10
CA GLU C 28 17.99 -13.49 -0.01
C GLU C 28 18.11 -12.88 1.38
N ILE C 29 19.34 -12.55 1.78
CA ILE C 29 19.55 -11.93 3.08
C ILE C 29 20.24 -10.58 2.95
N SER C 30 20.35 -10.12 1.70
CA SER C 30 20.90 -8.81 1.35
C SER C 30 22.15 -8.40 2.14
N GLY C 31 23.14 -9.30 2.19
CA GLY C 31 24.39 -9.00 2.87
C GLY C 31 24.27 -8.84 4.37
N TYR C 32 23.20 -9.36 4.97
CA TYR C 32 23.04 -9.32 6.42
C TYR C 32 23.65 -10.58 7.01
N LEU C 33 24.91 -10.82 6.68
CA LEU C 33 25.60 -12.01 7.15
C LEU C 33 26.78 -11.69 8.04
N SER C 34 26.85 -12.34 9.20
CA SER C 34 27.94 -12.13 10.12
C SER C 34 28.68 -13.43 10.41
N TRP C 35 29.99 -13.33 10.62
CA TRP C 35 30.79 -14.48 11.01
C TRP C 35 31.21 -14.25 12.44
N LEU C 36 31.20 -15.31 13.23
CA LEU C 36 31.54 -15.20 14.63
C LEU C 36 32.65 -16.19 14.95
N GLN C 37 33.45 -15.84 15.93
CA GLN C 37 34.46 -16.76 16.40
C GLN C 37 34.18 -17.11 17.86
N GLU C 38 34.35 -18.38 18.21
CA GLU C 38 34.19 -18.79 19.58
C GLU C 38 35.39 -19.58 20.06
N LYS C 39 36.23 -18.93 20.86
CA LYS C 39 37.40 -19.57 21.42
C LYS C 39 36.93 -20.58 22.46
N PRO C 40 37.73 -21.62 22.72
CA PRO C 40 37.39 -22.70 23.65
C PRO C 40 36.78 -22.21 24.96
N ASP C 41 37.36 -21.19 25.56
CA ASP C 41 36.88 -20.66 26.84
C ASP C 41 35.43 -20.14 26.82
N GLY C 42 34.77 -20.24 25.66
CA GLY C 42 33.37 -19.86 25.56
C GLY C 42 33.05 -18.42 25.17
N THR C 43 34.07 -17.56 25.10
CA THR C 43 33.84 -16.17 24.70
C THR C 43 33.50 -16.13 23.21
N ILE C 44 32.70 -15.15 22.81
CA ILE C 44 32.27 -15.01 21.42
C ILE C 44 32.58 -13.61 20.92
N LYS C 45 33.37 -13.52 19.85
CA LYS C 45 33.63 -12.20 19.23
C LYS C 45 33.14 -12.16 17.79
N ARG C 46 32.57 -11.03 17.39
CA ARG C 46 32.14 -10.84 16.01
C ARG C 46 33.39 -10.52 15.17
N LEU C 47 33.50 -11.15 14.01
CA LEU C 47 34.63 -10.90 13.12
C LEU C 47 34.23 -10.02 11.93
N ILE C 48 33.43 -10.57 11.04
CA ILE C 48 32.94 -9.80 9.92
C ILE C 48 31.44 -9.59 10.09
N TYR C 49 30.99 -8.40 9.70
CA TYR C 49 29.57 -8.10 9.69
C TYR C 49 29.23 -7.46 8.35
N ALA C 50 27.95 -7.42 8.02
CA ALA C 50 27.53 -6.87 6.73
C ALA C 50 28.21 -7.61 5.58
N ALA C 51 28.38 -8.91 5.74
CA ALA C 51 28.92 -9.77 4.68
C ALA C 51 30.44 -9.72 4.48
N SER C 52 31.01 -8.52 4.41
CA SER C 52 32.43 -8.38 4.12
C SER C 52 33.14 -7.29 4.93
N THR C 53 32.40 -6.50 5.68
CA THR C 53 33.05 -5.47 6.50
C THR C 53 33.71 -6.06 7.72
N LEU C 54 35.01 -5.81 7.85
CA LEU C 54 35.77 -6.31 8.98
C LEU C 54 35.42 -5.50 10.23
N ASP C 55 35.34 -6.16 11.36
CA ASP C 55 34.99 -5.48 12.59
C ASP C 55 36.24 -4.81 13.14
N SER C 56 36.06 -3.90 14.09
CA SER C 56 37.17 -3.17 14.69
C SER C 56 38.07 -4.09 15.52
N GLY C 57 39.38 -3.87 15.45
CA GLY C 57 40.33 -4.66 16.23
C GLY C 57 40.64 -6.07 15.70
N VAL C 58 39.90 -6.51 14.68
CA VAL C 58 40.14 -7.83 14.09
C VAL C 58 41.25 -7.73 13.03
N PRO C 59 42.26 -8.61 13.11
CA PRO C 59 43.39 -8.60 12.17
C PRO C 59 42.99 -8.62 10.70
N LYS C 60 43.89 -8.12 9.85
CA LYS C 60 43.65 -8.07 8.40
C LYS C 60 43.62 -9.42 7.71
N ARG C 61 44.12 -10.46 8.37
CA ARG C 61 44.10 -11.79 7.78
C ARG C 61 42.66 -12.17 7.44
N PHE C 62 41.71 -11.67 8.23
CA PHE C 62 40.31 -12.01 8.06
C PHE C 62 39.60 -11.13 7.04
N SER C 63 38.74 -11.73 6.23
CA SER C 63 37.93 -11.00 5.28
C SER C 63 36.72 -11.82 4.88
N GLY C 64 35.70 -11.15 4.33
CA GLY C 64 34.50 -11.84 3.88
C GLY C 64 34.10 -11.40 2.48
N SER C 65 33.46 -12.30 1.74
CA SER C 65 33.03 -11.99 0.39
C SER C 65 31.67 -12.62 0.06
N ARG C 66 30.91 -11.93 -0.78
CA ARG C 66 29.59 -12.35 -1.18
C ARG C 66 29.59 -12.78 -2.64
N SER C 67 28.93 -13.90 -2.94
CA SER C 67 28.86 -14.41 -4.30
C SER C 67 27.61 -15.27 -4.48
N GLY C 68 26.56 -14.70 -5.04
CA GLY C 68 25.30 -15.42 -5.16
C GLY C 68 24.74 -15.53 -3.75
N SER C 69 24.17 -16.68 -3.39
CA SER C 69 23.75 -16.86 -2.00
C SER C 69 24.90 -17.45 -1.20
N ASP C 70 26.08 -17.47 -1.80
CA ASP C 70 27.28 -17.98 -1.14
C ASP C 70 28.10 -16.86 -0.53
N TYR C 71 28.40 -17.02 0.75
CA TYR C 71 29.23 -16.07 1.46
C TYR C 71 30.41 -16.85 2.00
N SER C 72 31.55 -16.19 2.19
CA SER C 72 32.72 -16.92 2.67
C SER C 72 33.65 -16.11 3.54
N LEU C 73 34.16 -16.77 4.57
CA LEU C 73 35.17 -16.20 5.45
C LEU C 73 36.53 -16.72 5.03
N THR C 74 37.48 -15.81 4.87
CA THR C 74 38.80 -16.22 4.42
C THR C 74 39.88 -15.71 5.38
N ILE C 75 40.86 -16.55 5.64
CA ILE C 75 42.00 -16.20 6.45
C ILE C 75 43.29 -16.42 5.67
N SER C 76 43.99 -15.33 5.35
CA SER C 76 45.21 -15.35 4.54
C SER C 76 46.31 -16.28 5.04
N SER C 77 46.69 -16.13 6.30
CA SER C 77 47.74 -16.95 6.87
C SER C 77 47.43 -17.20 8.33
N LEU C 78 46.99 -18.42 8.61
CA LEU C 78 46.57 -18.81 9.95
C LEU C 78 47.61 -18.58 11.03
N GLU C 79 47.12 -18.32 12.24
CA GLU C 79 47.98 -18.20 13.40
C GLU C 79 47.38 -19.00 14.57
N SER C 80 48.14 -19.19 15.64
CA SER C 80 47.73 -20.04 16.75
C SER C 80 46.31 -19.81 17.30
N GLU C 81 46.01 -18.59 17.72
CA GLU C 81 44.69 -18.31 18.30
C GLU C 81 43.56 -18.24 17.28
N ASP C 82 43.86 -18.60 16.03
CA ASP C 82 42.86 -18.63 14.98
C ASP C 82 42.13 -19.97 14.98
N PHE C 83 42.79 -20.98 15.52
CA PHE C 83 42.21 -22.31 15.57
C PHE C 83 41.13 -22.40 16.64
N ALA C 84 39.89 -22.22 16.23
CA ALA C 84 38.76 -22.19 17.12
C ALA C 84 37.50 -22.63 16.38
N ASP C 85 36.35 -22.19 16.87
CA ASP C 85 35.10 -22.51 16.21
C ASP C 85 34.49 -21.29 15.54
N TYR C 86 33.96 -21.48 14.34
CA TYR C 86 33.40 -20.38 13.56
C TYR C 86 31.97 -20.65 13.15
N TYR C 87 31.14 -19.62 13.31
CA TYR C 87 29.73 -19.69 12.94
C TYR C 87 29.34 -18.48 12.11
N CYS C 88 28.47 -18.68 11.13
CA CYS C 88 27.90 -17.61 10.36
C CYS C 88 26.43 -17.61 10.73
N LEU C 89 25.79 -16.46 10.63
CA LEU C 89 24.36 -16.38 10.89
C LEU C 89 23.78 -15.21 10.14
N GLN C 90 22.54 -15.35 9.70
CA GLN C 90 21.87 -14.24 9.06
C GLN C 90 21.13 -13.48 10.14
N TYR C 91 21.06 -12.16 10.02
CA TYR C 91 20.33 -11.35 10.98
C TYR C 91 19.50 -10.31 10.27
N VAL C 92 18.95 -10.67 9.12
CA VAL C 92 18.08 -9.75 8.43
C VAL C 92 16.68 -9.85 9.04
N SER C 93 16.30 -11.06 9.44
CA SER C 93 14.97 -11.28 9.98
C SER C 93 14.89 -12.34 11.09
N TYR C 94 13.74 -12.41 11.74
CA TYR C 94 13.54 -13.39 12.79
C TYR C 94 12.90 -14.63 12.20
N PRO C 95 13.30 -15.79 12.71
CA PRO C 95 14.29 -15.93 13.76
C PRO C 95 15.69 -15.96 13.20
N TRP C 96 16.66 -15.42 13.94
CA TRP C 96 18.04 -15.46 13.51
C TRP C 96 18.47 -16.92 13.31
N THR C 97 19.18 -17.20 12.23
CA THR C 97 19.57 -18.59 11.99
C THR C 97 21.07 -18.72 11.76
N PHE C 98 21.67 -19.71 12.40
CA PHE C 98 23.11 -19.94 12.35
C PHE C 98 23.46 -21.12 11.47
N GLY C 99 24.74 -21.22 11.13
CA GLY C 99 25.24 -22.35 10.36
C GLY C 99 25.62 -23.41 11.35
N GLY C 100 25.88 -24.62 10.87
CA GLY C 100 26.26 -25.74 11.73
C GLY C 100 27.52 -25.44 12.51
N GLY C 101 28.32 -24.50 11.99
CA GLY C 101 29.58 -24.14 12.61
C GLY C 101 30.77 -24.91 12.03
N THR C 102 31.98 -24.42 12.31
CA THR C 102 33.19 -25.09 11.84
C THR C 102 34.19 -25.20 12.96
N LYS C 103 34.79 -26.39 13.08
CA LYS C 103 35.84 -26.60 14.07
C LYS C 103 37.17 -26.71 13.37
N LEU C 104 38.01 -25.69 13.56
CA LEU C 104 39.28 -25.59 12.87
C LEU C 104 40.44 -26.05 13.75
N GLU C 105 40.93 -27.26 13.51
CA GLU C 105 42.03 -27.80 14.31
C GLU C 105 43.37 -27.79 13.57
N ILE C 106 44.46 -27.98 14.32
CA ILE C 106 45.81 -27.94 13.76
C ILE C 106 46.25 -29.27 13.15
N LYS C 107 46.71 -29.23 11.90
CA LYS C 107 47.22 -30.44 11.24
C LYS C 107 48.65 -30.71 11.69
N ARG C 108 48.96 -31.98 11.93
CA ARG C 108 50.29 -32.41 12.34
C ARG C 108 50.52 -33.84 11.84
N ALA C 109 51.73 -34.34 12.05
CA ALA C 109 52.06 -35.71 11.66
C ALA C 109 51.32 -36.68 12.59
N ASP C 110 50.96 -37.84 12.06
CA ASP C 110 50.25 -38.84 12.85
C ASP C 110 51.06 -39.26 14.06
N ALA C 111 50.40 -39.80 15.06
CA ALA C 111 51.05 -40.24 16.30
C ALA C 111 50.24 -41.30 17.01
N ALA C 112 50.93 -42.26 17.62
CA ALA C 112 50.27 -43.35 18.30
C ALA C 112 49.99 -43.01 19.75
N PRO C 113 48.86 -43.51 20.27
CA PRO C 113 48.49 -43.34 21.67
C PRO C 113 49.44 -44.08 22.61
N THR C 114 49.62 -43.55 23.82
CA THR C 114 50.42 -44.21 24.85
C THR C 114 49.46 -44.73 25.92
N VAL C 115 48.87 -45.87 25.65
CA VAL C 115 47.87 -46.45 26.52
C VAL C 115 48.42 -46.99 27.86
N SER C 116 47.79 -46.56 28.94
CA SER C 116 48.08 -47.07 30.27
C SER C 116 46.77 -47.57 30.87
N ILE C 117 46.81 -48.72 31.54
CA ILE C 117 45.62 -49.28 32.18
C ILE C 117 45.76 -49.21 33.71
N PHE C 118 44.64 -49.05 34.42
CA PHE C 118 44.68 -48.92 35.86
C PHE C 118 43.55 -49.67 36.56
N PRO C 119 43.92 -50.56 37.49
CA PRO C 119 42.97 -51.31 38.31
C PRO C 119 42.30 -50.38 39.32
N PRO C 120 41.20 -50.82 39.92
CA PRO C 120 40.59 -49.97 40.91
C PRO C 120 41.52 -49.84 42.11
N SER C 121 41.45 -48.71 42.81
CA SER C 121 42.23 -48.51 44.02
C SER C 121 41.57 -49.24 45.17
N SER C 122 42.36 -49.57 46.18
CA SER C 122 41.80 -50.26 47.34
C SER C 122 40.75 -49.38 48.03
N GLU C 123 40.98 -48.07 48.02
CA GLU C 123 40.01 -47.13 48.59
C GLU C 123 38.61 -47.39 48.01
N GLN C 124 38.53 -47.41 46.68
CA GLN C 124 37.26 -47.57 46.00
C GLN C 124 36.65 -48.94 46.22
N LEU C 125 37.46 -49.99 46.20
CA LEU C 125 36.93 -51.33 46.45
C LEU C 125 36.23 -51.36 47.79
N THR C 126 36.89 -50.82 48.80
CA THR C 126 36.34 -50.69 50.13
C THR C 126 34.91 -50.18 50.10
N SER C 127 34.65 -49.19 49.25
CA SER C 127 33.32 -48.58 49.19
C SER C 127 32.39 -49.14 48.11
N GLY C 128 32.53 -50.43 47.82
CA GLY C 128 31.58 -51.13 46.96
C GLY C 128 31.59 -50.85 45.47
N GLY C 129 32.56 -50.07 45.00
CA GLY C 129 32.66 -49.76 43.57
C GLY C 129 33.98 -50.22 42.99
N ALA C 130 34.02 -50.40 41.68
CA ALA C 130 35.24 -50.82 41.01
C ALA C 130 35.36 -50.25 39.60
N SER C 131 36.16 -49.21 39.43
CA SER C 131 36.34 -48.65 38.12
C SER C 131 37.76 -48.88 37.60
N VAL C 132 37.84 -49.44 36.41
CA VAL C 132 39.10 -49.67 35.76
C VAL C 132 39.29 -48.50 34.80
N VAL C 133 40.41 -47.79 34.96
CA VAL C 133 40.65 -46.60 34.15
C VAL C 133 41.71 -46.88 33.09
N CYS C 134 41.47 -46.36 31.89
CA CYS C 134 42.41 -46.54 30.78
C CYS C 134 42.66 -45.20 30.10
N PHE C 135 43.93 -44.80 30.06
CA PHE C 135 44.32 -43.55 29.40
C PHE C 135 44.90 -43.86 28.03
N LEU C 136 44.70 -42.93 27.11
CA LEU C 136 45.27 -43.04 25.78
C LEU C 136 45.78 -41.64 25.44
N ASN C 137 47.08 -41.41 25.63
CA ASN C 137 47.62 -40.05 25.56
C ASN C 137 48.41 -39.66 24.31
N ASN C 138 48.47 -38.34 24.09
CA ASN C 138 49.18 -37.70 22.98
C ASN C 138 49.13 -38.45 21.66
N PHE C 139 48.01 -38.32 20.95
CA PHE C 139 47.87 -39.01 19.68
C PHE C 139 47.26 -38.09 18.61
N TYR C 140 47.37 -38.50 17.35
CA TYR C 140 46.80 -37.76 16.24
C TYR C 140 46.58 -38.69 15.05
N PRO C 141 45.48 -38.47 14.28
CA PRO C 141 44.44 -37.47 14.53
C PRO C 141 43.53 -37.84 15.70
N LYS C 142 42.57 -36.96 16.00
CA LYS C 142 41.67 -37.17 17.15
C LYS C 142 40.79 -38.41 17.11
N ASP C 143 40.36 -38.81 15.92
CA ASP C 143 39.46 -39.95 15.76
C ASP C 143 40.01 -41.28 16.26
N ILE C 144 39.51 -41.75 17.41
CA ILE C 144 39.85 -43.09 17.89
C ILE C 144 38.61 -43.85 18.33
N ASN C 145 38.80 -45.12 18.66
CA ASN C 145 37.72 -45.97 19.14
C ASN C 145 38.23 -46.92 20.21
N VAL C 146 37.50 -47.00 21.31
CA VAL C 146 37.91 -47.81 22.45
C VAL C 146 36.96 -48.97 22.72
N LYS C 147 37.53 -50.11 23.08
CA LYS C 147 36.75 -51.30 23.36
C LYS C 147 37.22 -51.90 24.70
N TRP C 148 36.27 -52.32 25.53
CA TRP C 148 36.59 -52.94 26.81
C TRP C 148 36.32 -54.45 26.76
N LYS C 149 37.21 -55.23 27.37
CA LYS C 149 37.06 -56.69 27.43
C LYS C 149 37.31 -57.27 28.82
N ILE C 150 36.35 -58.05 29.31
CA ILE C 150 36.44 -58.69 30.62
C ILE C 150 36.50 -60.20 30.45
N ASP C 151 37.55 -60.81 30.98
CA ASP C 151 37.75 -62.26 30.86
C ASP C 151 37.70 -62.72 29.40
N GLY C 152 37.94 -61.80 28.48
CA GLY C 152 37.95 -62.11 27.05
C GLY C 152 36.79 -61.52 26.27
N SER C 153 35.64 -61.40 26.93
CA SER C 153 34.41 -60.89 26.31
C SER C 153 34.26 -59.37 26.39
N GLU C 154 33.59 -58.79 25.40
CA GLU C 154 33.38 -57.33 25.34
C GLU C 154 32.27 -56.82 26.24
N ARG C 155 32.48 -55.65 26.84
CA ARG C 155 31.49 -55.00 27.70
C ARG C 155 31.01 -53.68 27.09
N GLN C 156 29.69 -53.44 27.18
CA GLN C 156 29.07 -52.28 26.54
C GLN C 156 28.78 -51.10 27.50
N ASN C 157 27.90 -51.34 28.47
CA ASN C 157 27.49 -50.29 29.39
C ASN C 157 28.43 -50.13 30.59
N GLY C 158 28.35 -48.98 31.25
CA GLY C 158 29.21 -48.71 32.40
C GLY C 158 30.48 -47.99 32.00
N VAL C 159 30.56 -47.60 30.72
CA VAL C 159 31.72 -46.88 30.22
C VAL C 159 31.48 -45.38 30.21
N LEU C 160 32.55 -44.64 30.49
CA LEU C 160 32.49 -43.19 30.54
C LEU C 160 33.76 -42.64 29.89
N ASN C 161 33.60 -41.89 28.81
CA ASN C 161 34.73 -41.40 28.02
C ASN C 161 34.85 -39.89 28.00
N SER C 162 36.09 -39.39 28.11
CA SER C 162 36.33 -37.97 28.06
C SER C 162 37.47 -37.64 27.11
N TRP C 163 37.24 -36.70 26.21
CA TRP C 163 38.27 -36.28 25.26
C TRP C 163 38.73 -34.88 25.58
N THR C 164 40.02 -34.61 25.46
CA THR C 164 40.53 -33.27 25.68
C THR C 164 40.62 -32.47 24.40
N ASP C 165 40.66 -31.15 24.54
CA ASP C 165 40.86 -30.25 23.42
C ASP C 165 42.30 -30.37 22.97
N GLN C 166 42.56 -29.99 21.71
CA GLN C 166 43.88 -30.13 21.13
C GLN C 166 44.95 -29.42 21.94
N ASP C 167 45.94 -30.18 22.40
CA ASP C 167 47.02 -29.64 23.20
C ASP C 167 47.68 -28.47 22.47
N SER C 168 47.80 -27.34 23.15
CA SER C 168 48.35 -26.12 22.57
C SER C 168 49.87 -26.19 22.36
N LYS C 169 50.51 -27.23 22.86
CA LYS C 169 51.95 -27.40 22.66
C LYS C 169 52.30 -28.31 21.50
N ASP C 170 51.96 -29.59 21.61
CA ASP C 170 52.29 -30.57 20.57
C ASP C 170 51.14 -30.89 19.61
N SER C 171 50.02 -30.20 19.75
CA SER C 171 48.88 -30.34 18.83
C SER C 171 48.22 -31.72 18.82
N THR C 172 48.46 -32.53 19.85
CA THR C 172 47.85 -33.87 19.90
C THR C 172 46.55 -33.88 20.68
N TYR C 173 45.98 -35.06 20.80
CA TYR C 173 44.75 -35.28 21.57
C TYR C 173 44.97 -36.41 22.58
N SER C 174 44.27 -36.34 23.71
CA SER C 174 44.31 -37.42 24.69
C SER C 174 42.89 -37.78 25.11
N MET C 175 42.68 -39.01 25.53
CA MET C 175 41.36 -39.41 26.00
C MET C 175 41.47 -40.33 27.20
N SER C 176 40.40 -40.35 27.98
CA SER C 176 40.32 -41.20 29.15
C SER C 176 39.08 -42.07 29.01
N SER C 177 39.18 -43.33 29.39
CA SER C 177 38.05 -44.24 29.36
C SER C 177 37.97 -44.98 30.68
N THR C 178 36.80 -44.91 31.32
CA THR C 178 36.61 -45.51 32.64
C THR C 178 35.50 -46.55 32.66
N LEU C 179 35.84 -47.77 33.06
CA LEU C 179 34.83 -48.81 33.20
C LEU C 179 34.47 -48.96 34.68
N THR C 180 33.21 -48.71 35.02
CA THR C 180 32.79 -48.77 36.42
C THR C 180 31.80 -49.89 36.70
N LEU C 181 32.18 -50.78 37.63
CA LEU C 181 31.38 -51.95 37.97
C LEU C 181 31.09 -52.03 39.46
N THR C 182 30.41 -53.09 39.86
CA THR C 182 30.16 -53.37 41.26
C THR C 182 31.38 -54.09 41.81
N LYS C 183 31.68 -53.87 43.09
CA LYS C 183 32.76 -54.57 43.77
C LYS C 183 32.63 -56.08 43.49
N ASP C 184 31.42 -56.59 43.60
CA ASP C 184 31.19 -58.01 43.36
C ASP C 184 31.47 -58.42 41.91
N GLU C 185 30.95 -57.66 40.94
CA GLU C 185 31.18 -57.96 39.52
C GLU C 185 32.65 -57.97 39.15
N TYR C 186 33.41 -57.08 39.77
CA TYR C 186 34.83 -56.99 39.51
C TYR C 186 35.56 -58.23 40.00
N GLU C 187 35.07 -58.83 41.07
CA GLU C 187 35.74 -60.01 41.63
C GLU C 187 35.28 -61.33 41.07
N ARG C 188 34.18 -61.32 40.33
CA ARG C 188 33.72 -62.54 39.69
C ARG C 188 34.39 -62.69 38.32
N HIS C 189 35.47 -61.94 38.13
CA HIS C 189 36.26 -62.00 36.92
C HIS C 189 37.73 -61.81 37.25
N ASN C 190 38.61 -62.03 36.28
CA ASN C 190 40.04 -61.99 36.55
C ASN C 190 40.91 -61.22 35.55
N SER C 191 40.49 -61.16 34.29
CA SER C 191 41.29 -60.48 33.27
C SER C 191 40.56 -59.29 32.64
N TYR C 192 41.17 -58.11 32.75
CA TYR C 192 40.56 -56.88 32.25
C TYR C 192 41.41 -56.27 31.16
N THR C 193 40.78 -56.02 30.00
CA THR C 193 41.49 -55.56 28.82
C THR C 193 40.97 -54.23 28.27
N CYS C 194 41.88 -53.46 27.68
CA CYS C 194 41.56 -52.16 27.12
C CYS C 194 42.11 -52.09 25.69
N GLU C 195 41.22 -52.20 24.70
CA GLU C 195 41.64 -52.18 23.28
C GLU C 195 41.40 -50.84 22.62
N ALA C 196 42.41 -50.37 21.88
CA ALA C 196 42.35 -49.06 21.23
C ALA C 196 42.60 -49.13 19.73
N THR C 197 41.60 -48.70 18.95
CA THR C 197 41.72 -48.63 17.49
C THR C 197 41.97 -47.21 17.01
N HIS C 198 43.09 -47.02 16.33
CA HIS C 198 43.50 -45.73 15.82
C HIS C 198 43.95 -45.86 14.38
N LYS C 199 43.87 -44.76 13.63
CA LYS C 199 44.33 -44.73 12.25
C LYS C 199 45.80 -45.11 12.16
N THR C 200 46.54 -44.76 13.21
CA THR C 200 47.98 -44.97 13.31
C THR C 200 48.43 -46.44 13.27
N SER C 201 47.49 -47.36 13.38
CA SER C 201 47.85 -48.78 13.41
C SER C 201 46.82 -49.67 12.71
N THR C 202 47.29 -50.76 12.12
CA THR C 202 46.41 -51.67 11.42
C THR C 202 45.72 -52.60 12.42
N SER C 203 46.46 -53.04 13.43
CA SER C 203 45.88 -53.88 14.48
C SER C 203 45.92 -53.15 15.82
N PRO C 204 44.80 -53.18 16.55
CA PRO C 204 44.55 -52.45 17.81
C PRO C 204 45.65 -52.57 18.85
N ILE C 205 45.78 -51.53 19.68
CA ILE C 205 46.72 -51.57 20.80
C ILE C 205 46.05 -52.22 22.00
N VAL C 206 46.67 -53.26 22.53
CA VAL C 206 46.10 -54.00 23.65
C VAL C 206 46.88 -53.84 24.95
N LYS C 207 46.22 -53.28 25.96
CA LYS C 207 46.79 -53.16 27.29
C LYS C 207 45.82 -53.78 28.28
N SER C 208 46.30 -54.71 29.11
CA SER C 208 45.45 -55.35 30.10
C SER C 208 46.22 -55.83 31.33
N PHE C 209 45.53 -56.53 32.22
CA PHE C 209 46.13 -57.07 33.45
C PHE C 209 45.23 -58.10 34.10
N ASN C 210 45.78 -58.80 35.10
CA ASN C 210 45.05 -59.79 35.89
C ASN C 210 44.89 -59.32 37.33
N ARG C 211 43.85 -59.81 38.00
CA ARG C 211 43.63 -59.54 39.41
C ARG C 211 44.60 -60.33 40.28
N ASN C 212 45.56 -61.01 39.63
CA ASN C 212 46.59 -61.76 40.35
C ASN C 212 47.83 -60.89 40.54
N GLU D 1 32.44 2.86 26.44
CA GLU D 1 32.08 1.63 25.65
C GLU D 1 30.86 0.91 26.21
N VAL D 2 30.29 0.04 25.40
CA VAL D 2 29.11 -0.74 25.76
C VAL D 2 29.51 -1.97 26.57
N GLN D 3 28.54 -2.54 27.30
CA GLN D 3 28.78 -3.82 27.95
C GLN D 3 27.52 -4.49 28.45
N LEU D 4 27.51 -5.82 28.42
CA LEU D 4 26.37 -6.62 28.84
C LEU D 4 26.78 -7.62 29.92
N GLU D 5 26.46 -7.30 31.17
CA GLU D 5 26.84 -8.18 32.26
C GLU D 5 25.69 -9.13 32.58
N GLU D 6 25.94 -10.43 32.43
CA GLU D 6 24.92 -11.44 32.70
C GLU D 6 25.07 -12.00 34.11
N SER D 7 23.96 -12.48 34.67
CA SER D 7 23.97 -13.05 36.01
C SER D 7 24.85 -14.29 36.04
N GLY D 8 25.25 -14.70 37.24
CA GLY D 8 26.17 -15.84 37.41
C GLY D 8 25.59 -17.22 37.13
N THR D 9 26.47 -18.22 37.14
CA THR D 9 26.10 -19.62 36.92
C THR D 9 24.88 -20.03 37.75
N VAL D 10 24.10 -20.95 37.19
CA VAL D 10 22.85 -21.42 37.83
C VAL D 10 22.77 -22.95 37.93
N LEU D 11 22.41 -23.45 39.12
CA LEU D 11 22.14 -24.86 39.31
C LEU D 11 20.65 -25.01 39.49
N ALA D 12 20.03 -25.94 38.77
CA ALA D 12 18.59 -26.11 38.90
C ALA D 12 18.16 -27.57 38.74
N ARG D 13 17.04 -27.92 39.38
CA ARG D 13 16.51 -29.27 39.27
C ARG D 13 15.46 -29.40 38.15
N PRO D 14 15.33 -30.62 37.58
CA PRO D 14 14.37 -30.93 36.54
C PRO D 14 12.96 -30.46 36.88
N GLY D 15 12.32 -29.81 35.91
CA GLY D 15 10.96 -29.34 36.08
C GLY D 15 10.84 -28.05 36.85
N ALA D 16 11.98 -27.50 37.25
CA ALA D 16 12.00 -26.22 37.96
C ALA D 16 12.01 -25.06 36.99
N SER D 17 12.03 -23.86 37.54
CA SER D 17 12.06 -22.66 36.74
C SER D 17 13.25 -21.85 37.19
N VAL D 18 13.89 -21.15 36.26
CA VAL D 18 15.00 -20.31 36.64
C VAL D 18 15.01 -19.03 35.81
N LYS D 19 15.39 -17.93 36.43
CA LYS D 19 15.32 -16.64 35.78
C LYS D 19 16.71 -16.02 35.85
N MET D 20 17.28 -15.74 34.68
CA MET D 20 18.60 -15.14 34.62
C MET D 20 18.46 -13.71 34.12
N SER D 21 19.56 -12.94 34.14
CA SER D 21 19.46 -11.57 33.67
C SER D 21 20.65 -11.13 32.82
N CYS D 22 20.42 -10.08 32.05
CA CYS D 22 21.43 -9.45 31.20
C CYS D 22 21.25 -7.96 31.34
N LYS D 23 22.18 -7.32 32.05
CA LYS D 23 22.13 -5.89 32.29
C LYS D 23 22.94 -5.11 31.26
N ALA D 24 22.33 -4.09 30.67
CA ALA D 24 23.01 -3.28 29.66
C ALA D 24 23.37 -1.91 30.19
N SER D 25 24.53 -1.43 29.78
CA SER D 25 25.00 -0.11 30.18
C SER D 25 25.92 0.47 29.13
N GLY D 26 25.91 1.80 29.02
CA GLY D 26 26.72 2.48 28.02
C GLY D 26 25.95 2.75 26.73
N TYR D 27 24.62 2.61 26.80
CA TYR D 27 23.75 2.89 25.66
C TYR D 27 22.29 2.87 26.08
N THR D 28 21.41 3.34 25.22
CA THR D 28 19.99 3.41 25.55
C THR D 28 19.32 2.06 25.39
N PHE D 29 19.11 1.42 26.53
CA PHE D 29 18.51 0.10 26.66
C PHE D 29 17.17 -0.03 25.94
N THR D 30 16.45 1.07 25.87
CA THR D 30 15.10 1.10 25.34
C THR D 30 15.01 1.18 23.82
N THR D 31 16.14 1.46 23.20
CA THR D 31 16.21 1.66 21.76
C THR D 31 16.63 0.42 21.01
N TYR D 32 17.15 -0.56 21.74
CA TYR D 32 17.62 -1.79 21.11
C TYR D 32 16.75 -2.98 21.42
N ARG D 33 16.91 -4.02 20.63
CA ARG D 33 16.23 -5.27 20.87
C ARG D 33 17.26 -6.17 21.54
N MET D 34 16.89 -6.82 22.64
CA MET D 34 17.82 -7.69 23.35
C MET D 34 17.55 -9.13 22.93
N HIS D 35 18.56 -9.77 22.33
CA HIS D 35 18.39 -11.11 21.81
C HIS D 35 19.01 -12.15 22.70
N TRP D 36 18.52 -13.38 22.62
CA TRP D 36 19.03 -14.45 23.44
C TRP D 36 19.44 -15.64 22.61
N ILE D 37 20.64 -16.15 22.87
CA ILE D 37 21.18 -17.24 22.14
C ILE D 37 21.49 -18.38 23.11
N LYS D 38 21.16 -19.60 22.72
CA LYS D 38 21.45 -20.77 23.53
C LYS D 38 22.46 -21.65 22.83
N GLN D 39 23.37 -22.21 23.61
CA GLN D 39 24.36 -23.13 23.09
C GLN D 39 24.59 -24.29 24.03
N ARG D 40 24.08 -25.45 23.65
CA ARG D 40 24.28 -26.67 24.41
C ARG D 40 25.74 -27.11 24.39
N PRO D 41 26.19 -27.77 25.47
CA PRO D 41 27.58 -28.18 25.56
C PRO D 41 28.02 -28.89 24.29
N GLY D 42 29.14 -28.45 23.72
CA GLY D 42 29.69 -29.10 22.53
C GLY D 42 28.86 -29.02 21.26
N GLN D 43 27.75 -28.30 21.29
CA GLN D 43 26.94 -28.13 20.08
C GLN D 43 27.01 -26.71 19.53
N GLY D 44 26.10 -26.40 18.60
CA GLY D 44 26.05 -25.09 17.97
C GLY D 44 25.24 -24.00 18.68
N LEU D 45 25.20 -22.84 18.05
CA LEU D 45 24.47 -21.71 18.60
C LEU D 45 23.04 -21.75 18.11
N GLU D 46 22.13 -21.11 18.84
CA GLU D 46 20.72 -21.18 18.49
C GLU D 46 20.00 -19.95 19.00
N TRP D 47 18.98 -19.51 18.27
CA TRP D 47 18.26 -18.30 18.66
C TRP D 47 17.02 -18.62 19.48
N ILE D 48 16.90 -18.00 20.65
CA ILE D 48 15.73 -18.22 21.51
C ILE D 48 14.63 -17.22 21.22
N GLY D 49 14.99 -15.94 21.18
CA GLY D 49 14.02 -14.87 20.96
C GLY D 49 14.63 -13.54 21.36
N ALA D 50 13.80 -12.51 21.49
CA ALA D 50 14.30 -11.19 21.87
C ALA D 50 13.19 -10.30 22.39
N ILE D 51 13.57 -9.30 23.16
CA ILE D 51 12.58 -8.37 23.71
C ILE D 51 12.94 -6.91 23.42
N TYR D 52 11.93 -6.09 23.15
CA TYR D 52 12.16 -4.67 22.92
C TYR D 52 11.52 -3.95 24.09
N PRO D 53 12.37 -3.51 25.02
CA PRO D 53 12.03 -2.91 26.30
C PRO D 53 11.24 -1.63 26.16
N GLY D 54 11.57 -0.82 25.17
CA GLY D 54 10.85 0.42 24.92
C GLY D 54 9.37 0.27 25.22
N ASN D 55 8.80 -0.84 24.76
CA ASN D 55 7.39 -1.13 24.98
C ASN D 55 7.12 -2.59 25.34
N SER D 56 8.18 -3.34 25.64
CA SER D 56 8.05 -4.73 26.06
C SER D 56 7.48 -5.64 24.98
N ASP D 57 7.60 -5.22 23.72
CA ASP D 57 7.21 -6.07 22.60
C ASP D 57 8.20 -7.22 22.56
N THR D 58 7.74 -8.38 22.10
CA THR D 58 8.61 -9.55 22.08
C THR D 58 8.50 -10.33 20.76
N THR D 59 9.51 -11.15 20.50
CA THR D 59 9.50 -12.08 19.37
C THR D 59 10.14 -13.37 19.87
N TYR D 60 9.57 -14.52 19.54
CA TYR D 60 10.07 -15.80 20.05
C TYR D 60 10.28 -16.84 18.97
N ASN D 61 11.38 -17.57 19.06
CA ASN D 61 11.59 -18.70 18.17
C ASN D 61 10.49 -19.66 18.52
N GLN D 62 9.77 -20.10 17.50
CA GLN D 62 8.66 -21.03 17.71
C GLN D 62 9.10 -22.18 18.61
N LYS D 63 10.24 -22.78 18.30
CA LYS D 63 10.78 -23.89 19.09
C LYS D 63 10.78 -23.63 20.60
N PHE D 64 11.23 -22.45 21.01
CA PHE D 64 11.30 -22.10 22.43
C PHE D 64 10.09 -21.33 22.92
N LYS D 65 8.99 -21.42 22.19
CA LYS D 65 7.75 -20.70 22.48
C LYS D 65 7.24 -20.93 23.90
N ASP D 66 7.19 -22.18 24.33
CA ASP D 66 6.68 -22.53 25.65
C ASP D 66 7.79 -22.86 26.63
N LYS D 67 9.01 -22.39 26.37
CA LYS D 67 10.13 -22.71 27.25
C LYS D 67 10.72 -21.45 27.87
N ALA D 68 10.61 -20.33 27.16
CA ALA D 68 11.20 -19.07 27.63
C ALA D 68 10.17 -17.97 27.84
N LYS D 69 10.53 -16.98 28.63
CA LYS D 69 9.67 -15.84 28.92
C LYS D 69 10.56 -14.61 29.05
N LEU D 70 10.34 -13.62 28.20
CA LEU D 70 11.17 -12.43 28.24
C LEU D 70 10.45 -11.26 28.87
N THR D 71 11.03 -10.76 29.95
CA THR D 71 10.50 -9.62 30.66
C THR D 71 11.63 -8.61 30.71
N ALA D 72 11.33 -7.36 31.06
CA ALA D 72 12.36 -6.34 31.10
C ALA D 72 12.03 -5.20 32.03
N VAL D 73 13.05 -4.72 32.75
CA VAL D 73 12.89 -3.63 33.70
C VAL D 73 13.74 -2.44 33.26
N THR D 74 13.08 -1.42 32.74
CA THR D 74 13.76 -0.25 32.16
C THR D 74 14.51 0.57 33.22
N SER D 75 13.94 0.64 34.41
CA SER D 75 14.52 1.42 35.51
C SER D 75 15.89 0.92 35.95
N THR D 76 16.19 -0.35 35.70
CA THR D 76 17.48 -0.91 36.09
C THR D 76 18.26 -1.34 34.86
N SER D 77 17.72 -1.03 33.68
CA SER D 77 18.35 -1.41 32.41
C SER D 77 18.68 -2.89 32.32
N SER D 78 17.78 -3.74 32.81
CA SER D 78 18.05 -5.17 32.81
C SER D 78 17.00 -5.99 32.07
N ALA D 79 17.47 -6.92 31.25
CA ALA D 79 16.60 -7.86 30.55
C ALA D 79 16.57 -9.17 31.34
N TYR D 80 15.44 -9.87 31.32
CA TYR D 80 15.32 -11.13 32.02
C TYR D 80 14.79 -12.25 31.13
N MET D 81 15.31 -13.45 31.33
CA MET D 81 14.80 -14.62 30.64
C MET D 81 14.51 -15.70 31.67
N GLU D 82 13.33 -16.29 31.59
CA GLU D 82 12.90 -17.30 32.56
C GLU D 82 12.58 -18.64 31.92
N LEU D 83 13.24 -19.68 32.39
CA LEU D 83 13.04 -21.00 31.82
C LEU D 83 12.28 -21.87 32.81
N SER D 84 11.32 -22.64 32.31
CA SER D 84 10.55 -23.52 33.19
C SER D 84 10.54 -24.95 32.64
N SER D 85 10.09 -25.90 33.45
CA SER D 85 10.12 -27.31 33.06
C SER D 85 11.53 -27.67 32.61
N LEU D 86 12.51 -27.30 33.42
CA LEU D 86 13.89 -27.56 33.06
C LEU D 86 14.17 -29.04 32.83
N THR D 87 14.30 -29.43 31.57
CA THR D 87 14.69 -30.81 31.31
C THR D 87 16.19 -30.84 31.05
N ASN D 88 16.70 -32.03 30.81
CA ASN D 88 18.09 -32.26 30.53
C ASN D 88 18.60 -31.38 29.38
N GLU D 89 17.77 -31.22 28.36
CA GLU D 89 18.17 -30.50 27.16
C GLU D 89 18.22 -28.99 27.34
N ASP D 90 17.96 -28.54 28.56
CA ASP D 90 18.03 -27.13 28.85
C ASP D 90 19.41 -26.78 29.41
N SER D 91 20.12 -27.80 29.90
CA SER D 91 21.51 -27.63 30.34
C SER D 91 22.34 -27.07 29.19
N ALA D 92 22.77 -25.81 29.31
CA ALA D 92 23.58 -25.18 28.27
C ALA D 92 24.07 -23.84 28.77
N VAL D 93 24.64 -23.05 27.86
CA VAL D 93 25.08 -21.69 28.16
C VAL D 93 24.18 -20.75 27.37
N TYR D 94 23.84 -19.61 27.98
CA TYR D 94 22.92 -18.67 27.35
C TYR D 94 23.55 -17.27 27.26
N PHE D 95 23.46 -16.65 26.09
CA PHE D 95 24.06 -15.36 25.87
C PHE D 95 23.00 -14.34 25.50
N CYS D 96 23.27 -13.08 25.80
CA CYS D 96 22.42 -12.00 25.37
C CYS D 96 23.25 -11.15 24.43
N THR D 97 22.59 -10.46 23.50
CA THR D 97 23.25 -9.58 22.55
C THR D 97 22.21 -8.54 22.14
N ARG D 98 22.61 -7.58 21.31
CA ARG D 98 21.74 -6.45 20.95
C ARG D 98 21.48 -6.33 19.45
N GLU D 99 20.36 -5.70 19.09
CA GLU D 99 20.02 -5.37 17.72
C GLU D 99 19.53 -3.94 17.69
N GLY D 100 20.26 -3.06 17.01
CA GLY D 100 19.88 -1.65 16.96
C GLY D 100 19.93 -1.03 15.58
N ILE D 101 19.58 0.26 15.50
CA ILE D 101 19.55 0.99 14.23
C ILE D 101 20.83 1.82 14.00
N PRO D 102 21.44 1.69 12.82
CA PRO D 102 21.03 0.84 11.68
C PRO D 102 21.22 -0.66 11.94
N GLN D 103 20.21 -1.44 11.60
CA GLN D 103 20.27 -2.88 11.76
C GLN D 103 21.56 -3.47 11.17
N LEU D 104 21.90 -3.02 9.96
CA LEU D 104 23.05 -3.58 9.25
C LEU D 104 24.31 -3.63 10.09
N LEU D 105 24.54 -2.60 10.91
CA LEU D 105 25.78 -2.55 11.70
C LEU D 105 25.65 -2.51 13.24
N ARG D 106 24.53 -2.07 13.78
CA ARG D 106 24.41 -2.06 15.25
C ARG D 106 23.78 -3.33 15.85
N THR D 107 24.19 -4.51 15.41
CA THR D 107 23.65 -5.76 15.96
C THR D 107 24.70 -6.88 15.93
N LEU D 108 24.75 -7.66 16.99
CA LEU D 108 25.76 -8.71 17.11
C LEU D 108 27.10 -8.10 17.54
N ASP D 109 27.17 -6.77 17.57
CA ASP D 109 28.41 -6.09 17.91
C ASP D 109 28.88 -6.36 19.34
N TYR D 110 27.94 -6.50 20.28
CA TYR D 110 28.31 -6.79 21.67
C TYR D 110 27.58 -8.01 22.25
N TRP D 111 28.29 -8.73 23.12
CA TRP D 111 27.75 -9.95 23.71
C TRP D 111 27.91 -9.97 25.24
N GLY D 112 27.12 -10.80 25.90
CA GLY D 112 27.27 -11.01 27.32
C GLY D 112 28.25 -12.15 27.48
N GLN D 113 28.81 -12.29 28.67
CA GLN D 113 29.78 -13.36 28.94
C GLN D 113 29.09 -14.72 28.98
N GLY D 114 27.76 -14.69 28.98
CA GLY D 114 26.98 -15.93 29.02
C GLY D 114 26.66 -16.41 30.43
N THR D 115 25.62 -17.24 30.55
CA THR D 115 25.23 -17.82 31.82
C THR D 115 25.11 -19.34 31.71
N SER D 116 25.90 -20.05 32.49
CA SER D 116 25.83 -21.49 32.47
C SER D 116 24.65 -22.00 33.31
N VAL D 117 23.83 -22.85 32.70
CA VAL D 117 22.73 -23.49 33.41
C VAL D 117 22.91 -24.99 33.31
N THR D 118 22.85 -25.67 34.44
CA THR D 118 23.05 -27.11 34.47
C THR D 118 21.91 -27.78 35.23
N VAL D 119 21.15 -28.58 34.49
CA VAL D 119 19.98 -29.26 35.00
C VAL D 119 20.37 -30.58 35.64
N SER D 120 20.03 -30.74 36.92
CA SER D 120 20.34 -31.98 37.63
C SER D 120 19.48 -32.11 38.87
N SER D 121 19.38 -33.32 39.41
CA SER D 121 18.58 -33.54 40.60
C SER D 121 19.46 -33.73 41.85
N ALA D 122 20.75 -33.43 41.73
CA ALA D 122 21.69 -33.61 42.83
C ALA D 122 21.91 -32.35 43.66
N LYS D 123 22.11 -32.52 44.95
CA LYS D 123 22.48 -31.42 45.80
C LYS D 123 24.00 -31.49 45.87
N THR D 124 24.64 -30.46 46.42
CA THR D 124 26.09 -30.44 46.57
C THR D 124 26.57 -31.82 46.98
N THR D 125 27.54 -32.36 46.25
CA THR D 125 28.05 -33.67 46.58
C THR D 125 29.57 -33.66 46.52
N ALA D 126 30.19 -34.05 47.63
CA ALA D 126 31.63 -34.11 47.70
C ALA D 126 32.15 -35.25 46.82
N PRO D 127 33.22 -34.99 46.06
CA PRO D 127 33.77 -36.00 45.18
C PRO D 127 34.59 -37.04 45.93
N SER D 128 34.63 -38.25 45.41
CA SER D 128 35.50 -39.26 45.96
C SER D 128 36.77 -39.20 45.12
N VAL D 129 37.93 -39.23 45.76
CA VAL D 129 39.21 -39.17 45.05
C VAL D 129 40.02 -40.42 45.29
N TYR D 130 40.31 -41.15 44.21
CA TYR D 130 41.11 -42.35 44.32
C TYR D 130 42.37 -42.18 43.52
N PRO D 131 43.49 -42.73 44.01
CA PRO D 131 44.75 -42.67 43.31
C PRO D 131 44.85 -43.84 42.33
N LEU D 132 45.56 -43.62 41.23
CA LEU D 132 45.72 -44.65 40.22
C LEU D 132 47.19 -44.99 40.01
N ALA D 133 47.62 -46.12 40.58
CA ALA D 133 48.98 -46.60 40.44
C ALA D 133 49.03 -47.70 39.40
N PRO D 134 50.20 -47.89 38.75
CA PRO D 134 50.43 -48.88 37.70
C PRO D 134 50.20 -50.33 38.13
N VAL D 135 50.23 -51.24 37.17
CA VAL D 135 50.00 -52.66 37.41
C VAL D 135 51.18 -53.35 38.12
N CYS D 136 51.57 -54.53 37.64
CA CYS D 136 52.71 -55.26 38.20
C CYS D 136 53.61 -55.84 37.11
N GLY D 141 60.14 -49.55 29.90
CA GLY D 141 59.91 -48.16 29.51
C GLY D 141 60.43 -47.17 30.53
N SER D 142 61.06 -46.11 30.04
CA SER D 142 61.65 -45.07 30.90
C SER D 142 60.61 -44.17 31.56
N SER D 143 59.40 -44.16 31.02
CA SER D 143 58.35 -43.31 31.56
C SER D 143 57.24 -44.14 32.19
N VAL D 144 56.64 -43.61 33.24
CA VAL D 144 55.50 -44.25 33.89
C VAL D 144 54.38 -43.24 34.07
N THR D 145 53.16 -43.68 33.77
CA THR D 145 52.00 -42.81 33.94
C THR D 145 51.24 -43.10 35.24
N LEU D 146 50.93 -42.03 35.97
CA LEU D 146 50.16 -42.13 37.21
C LEU D 146 48.84 -41.40 37.04
N GLY D 147 47.81 -41.91 37.68
CA GLY D 147 46.49 -41.31 37.54
C GLY D 147 45.82 -40.92 38.84
N CYS D 148 44.76 -40.14 38.71
CA CYS D 148 43.98 -39.70 39.84
C CYS D 148 42.56 -39.64 39.37
N LEU D 149 41.68 -40.40 40.02
CA LEU D 149 40.26 -40.44 39.64
C LEU D 149 39.40 -39.64 40.62
N VAL D 150 38.68 -38.66 40.09
CA VAL D 150 37.80 -37.81 40.90
C VAL D 150 36.37 -38.14 40.52
N LYS D 151 35.68 -38.87 41.39
CA LYS D 151 34.38 -39.44 41.00
C LYS D 151 33.17 -39.04 41.81
N GLY D 152 32.07 -38.83 41.09
CA GLY D 152 30.77 -38.57 41.72
C GLY D 152 30.74 -37.31 42.53
N TYR D 153 30.56 -36.17 41.87
CA TYR D 153 30.48 -34.90 42.57
C TYR D 153 29.56 -33.95 41.86
N PHE D 154 29.35 -32.80 42.45
CA PHE D 154 28.43 -31.82 41.89
C PHE D 154 28.39 -30.59 42.79
N PRO D 155 28.49 -29.40 42.17
CA PRO D 155 28.58 -29.23 40.74
C PRO D 155 30.03 -29.03 40.29
N GLU D 156 30.21 -28.46 39.10
CA GLU D 156 31.52 -28.02 38.68
C GLU D 156 31.79 -26.74 39.48
N PRO D 157 33.06 -26.36 39.60
CA PRO D 157 34.17 -27.07 39.04
C PRO D 157 34.96 -27.74 40.14
N VAL D 158 36.10 -28.30 39.77
CA VAL D 158 37.09 -28.79 40.73
C VAL D 158 38.46 -28.46 40.17
N THR D 159 39.41 -28.21 41.06
CA THR D 159 40.76 -27.93 40.63
C THR D 159 41.64 -29.09 41.00
N LEU D 160 42.41 -29.57 40.03
CA LEU D 160 43.32 -30.69 40.28
C LEU D 160 44.74 -30.28 39.94
N THR D 161 45.65 -30.51 40.87
CA THR D 161 47.05 -30.18 40.68
C THR D 161 47.89 -31.32 41.21
N TRP D 162 49.11 -31.44 40.69
CA TRP D 162 50.02 -32.46 41.16
C TRP D 162 51.17 -31.80 41.92
N ASN D 163 51.51 -32.36 43.07
CA ASN D 163 52.57 -31.80 43.89
C ASN D 163 52.42 -30.31 44.11
N SER D 164 51.21 -29.90 44.46
CA SER D 164 50.89 -28.50 44.72
C SER D 164 51.22 -27.57 43.54
N GLY D 165 51.35 -28.15 42.35
CA GLY D 165 51.63 -27.36 41.16
C GLY D 165 53.04 -27.50 40.65
N SER D 166 53.96 -27.89 41.54
CA SER D 166 55.37 -28.09 41.18
C SER D 166 55.48 -28.86 39.87
N LEU D 167 54.74 -29.97 39.80
CA LEU D 167 54.70 -30.82 38.62
C LEU D 167 53.54 -30.39 37.73
N SER D 168 53.85 -29.94 36.52
CA SER D 168 52.80 -29.44 35.62
C SER D 168 52.92 -30.00 34.20
N SER D 169 54.14 -30.22 33.76
CA SER D 169 54.38 -30.74 32.42
C SER D 169 54.16 -32.24 32.37
N GLY D 170 53.53 -32.71 31.30
CA GLY D 170 53.26 -34.14 31.16
C GLY D 170 51.98 -34.55 31.89
N VAL D 171 51.08 -33.58 32.04
CA VAL D 171 49.82 -33.81 32.72
C VAL D 171 48.66 -33.74 31.74
N HIS D 172 47.64 -34.57 31.96
CA HIS D 172 46.41 -34.50 31.19
C HIS D 172 45.21 -34.54 32.12
N THR D 173 44.61 -33.39 32.37
CA THR D 173 43.42 -33.33 33.19
C THR D 173 42.22 -33.30 32.25
N PHE D 174 41.44 -34.37 32.23
CA PHE D 174 40.33 -34.51 31.29
C PHE D 174 39.07 -33.74 31.69
N PRO D 175 38.31 -33.27 30.69
CA PRO D 175 37.09 -32.54 30.99
C PRO D 175 36.15 -33.43 31.78
N ALA D 176 35.46 -32.85 32.75
CA ALA D 176 34.50 -33.61 33.54
C ALA D 176 33.31 -33.98 32.67
N VAL D 177 32.75 -35.15 32.91
CA VAL D 177 31.57 -35.60 32.19
C VAL D 177 30.44 -35.87 33.17
N LEU D 178 29.26 -35.32 32.86
CA LEU D 178 28.08 -35.51 33.70
C LEU D 178 27.36 -36.80 33.32
N GLN D 179 27.13 -37.66 34.30
CA GLN D 179 26.45 -38.93 34.07
C GLN D 179 25.68 -39.31 35.33
N SER D 180 24.38 -39.55 35.16
CA SER D 180 23.48 -39.87 36.27
C SER D 180 23.52 -38.78 37.32
N ASP D 181 23.44 -37.53 36.85
CA ASP D 181 23.40 -36.35 37.73
C ASP D 181 24.71 -36.00 38.42
N LEU D 182 25.71 -36.89 38.38
CA LEU D 182 26.99 -36.63 39.04
C LEU D 182 28.13 -36.49 38.06
N TYR D 183 29.11 -35.66 38.41
CA TYR D 183 30.29 -35.46 37.58
C TYR D 183 31.42 -36.45 37.89
N THR D 184 32.24 -36.72 36.88
CA THR D 184 33.42 -37.56 37.06
C THR D 184 34.56 -36.98 36.25
N LEU D 185 35.76 -37.03 36.82
CA LEU D 185 36.89 -36.45 36.15
C LEU D 185 38.12 -37.27 36.46
N SER D 186 38.95 -37.47 35.44
CA SER D 186 40.20 -38.20 35.59
C SER D 186 41.34 -37.30 35.16
N SER D 187 42.56 -37.65 35.57
CA SER D 187 43.73 -36.88 35.20
C SER D 187 44.97 -37.75 35.29
N SER D 188 45.80 -37.70 34.25
CA SER D 188 47.02 -38.50 34.22
C SER D 188 48.24 -37.63 34.35
N VAL D 189 49.37 -38.25 34.68
CA VAL D 189 50.64 -37.54 34.75
C VAL D 189 51.76 -38.53 34.44
N THR D 190 52.64 -38.16 33.53
CA THR D 190 53.69 -39.06 33.08
C THR D 190 55.08 -38.51 33.42
N VAL D 191 55.88 -39.32 34.11
CA VAL D 191 57.22 -38.90 34.51
C VAL D 191 58.26 -39.94 34.10
N THR D 192 59.52 -39.70 34.45
CA THR D 192 60.58 -40.65 34.11
C THR D 192 60.70 -41.68 35.24
N SER D 193 60.56 -42.95 34.87
CA SER D 193 60.52 -44.05 35.86
C SER D 193 61.61 -44.01 36.92
N SER D 194 62.62 -43.18 36.73
CA SER D 194 63.66 -43.08 37.74
C SER D 194 63.30 -42.10 38.87
N THR D 195 62.34 -41.22 38.61
CA THR D 195 61.92 -40.22 39.59
C THR D 195 60.79 -40.72 40.50
N TRP D 196 60.09 -41.76 40.08
CA TRP D 196 59.03 -42.35 40.91
C TRP D 196 59.24 -43.87 41.06
N PRO D 197 58.97 -44.41 42.25
CA PRO D 197 58.44 -43.75 43.45
C PRO D 197 59.47 -43.07 44.36
N SER D 198 60.64 -42.72 43.83
CA SER D 198 61.66 -42.02 44.62
C SER D 198 61.13 -40.70 45.17
N GLN D 199 60.39 -39.96 44.36
CA GLN D 199 59.84 -38.68 44.78
C GLN D 199 58.31 -38.72 44.92
N SER D 200 57.81 -38.32 46.08
CA SER D 200 56.38 -38.29 46.35
C SER D 200 55.54 -37.60 45.28
N ILE D 201 54.73 -38.38 44.56
CA ILE D 201 53.79 -37.79 43.63
C ILE D 201 52.42 -37.74 44.30
N THR D 202 51.94 -36.54 44.57
CA THR D 202 50.63 -36.39 45.20
C THR D 202 49.66 -35.70 44.26
N CYS D 203 48.40 -36.11 44.37
CA CYS D 203 47.31 -35.55 43.59
C CYS D 203 46.47 -34.63 44.49
N ASN D 204 46.29 -33.39 44.06
CA ASN D 204 45.59 -32.39 44.87
C ASN D 204 44.23 -31.99 44.30
N VAL D 205 43.16 -32.46 44.93
CA VAL D 205 41.82 -32.15 44.45
C VAL D 205 41.10 -31.22 45.41
N ALA D 206 40.39 -30.24 44.85
CA ALA D 206 39.66 -29.27 45.64
C ALA D 206 38.26 -29.03 45.06
N HIS D 207 37.24 -29.21 45.87
CA HIS D 207 35.86 -29.01 45.42
C HIS D 207 35.17 -27.96 46.29
N PRO D 208 35.31 -26.67 45.93
CA PRO D 208 34.82 -25.52 46.68
C PRO D 208 33.43 -25.71 47.31
N ALA D 209 32.43 -26.00 46.50
CA ALA D 209 31.05 -26.13 46.97
C ALA D 209 30.95 -26.97 48.23
N SER D 210 31.60 -28.13 48.23
CA SER D 210 31.57 -29.02 49.38
C SER D 210 32.73 -28.74 50.34
N SER D 211 33.36 -27.58 50.17
CA SER D 211 34.51 -27.20 51.00
C SER D 211 35.46 -28.37 51.24
N THR D 212 35.76 -29.14 50.22
CA THR D 212 36.68 -30.26 50.38
C THR D 212 38.02 -30.06 49.66
N LYS D 213 39.09 -30.54 50.29
CA LYS D 213 40.43 -30.52 49.71
C LYS D 213 41.13 -31.83 50.02
N VAL D 214 41.08 -32.77 49.11
CA VAL D 214 41.70 -34.05 49.37
C VAL D 214 43.06 -34.17 48.70
N ASP D 215 44.04 -34.58 49.49
CA ASP D 215 45.38 -34.83 48.97
C ASP D 215 45.61 -36.33 48.98
N LYS D 216 45.79 -36.92 47.81
CA LYS D 216 45.99 -38.35 47.74
C LYS D 216 47.36 -38.69 47.15
N LYS D 217 48.20 -39.30 47.97
CA LYS D 217 49.54 -39.70 47.57
C LYS D 217 49.46 -41.04 46.83
N ILE D 218 50.11 -41.13 45.66
CA ILE D 218 50.05 -42.37 44.88
C ILE D 218 51.08 -43.38 45.37
N GLU D 219 50.59 -44.49 45.90
CA GLU D 219 51.42 -45.55 46.49
C GLU D 219 51.45 -46.78 45.59
N PRO D 220 52.63 -47.41 45.45
CA PRO D 220 52.77 -48.63 44.67
C PRO D 220 52.53 -49.87 45.53
N ASP E 1 -12.50 18.69 -8.04
CA ASP E 1 -13.19 18.96 -9.32
C ASP E 1 -12.27 19.58 -10.37
N ILE E 2 -12.25 18.97 -11.54
CA ILE E 2 -11.46 19.43 -12.68
C ILE E 2 -12.19 20.54 -13.43
N LEU E 3 -11.62 21.75 -13.48
CA LEU E 3 -12.26 22.86 -14.20
C LEU E 3 -11.96 22.83 -15.71
N MET E 4 -13.02 22.94 -16.51
CA MET E 4 -12.88 22.96 -17.96
C MET E 4 -13.15 24.37 -18.48
N THR E 5 -12.12 24.99 -19.05
CA THR E 5 -12.22 26.34 -19.61
C THR E 5 -12.43 26.29 -21.11
N GLN E 6 -13.65 26.57 -21.55
CA GLN E 6 -13.99 26.51 -22.97
C GLN E 6 -14.11 27.89 -23.59
N SER E 7 -13.33 28.11 -24.65
CA SER E 7 -13.33 29.39 -25.36
C SER E 7 -13.34 29.18 -26.89
N PRO E 8 -13.96 30.11 -27.63
CA PRO E 8 -14.68 31.25 -27.08
C PRO E 8 -16.12 30.88 -26.71
N SER E 9 -16.74 31.66 -25.85
CA SER E 9 -18.12 31.37 -25.45
C SER E 9 -19.08 31.61 -26.61
N SER E 10 -18.71 32.49 -27.52
CA SER E 10 -19.54 32.78 -28.68
C SER E 10 -18.71 33.07 -29.92
N LEU E 11 -19.11 32.51 -31.05
CA LEU E 11 -18.36 32.70 -32.28
C LEU E 11 -19.27 32.90 -33.49
N SER E 12 -18.93 33.89 -34.31
CA SER E 12 -19.68 34.19 -35.53
C SER E 12 -18.87 33.85 -36.76
N ALA E 13 -19.48 33.11 -37.69
CA ALA E 13 -18.79 32.71 -38.92
C ALA E 13 -19.74 32.57 -40.12
N SER E 14 -19.17 32.20 -41.26
CA SER E 14 -19.92 32.05 -42.50
C SER E 14 -19.63 30.70 -43.18
N LEU E 15 -20.59 30.23 -43.96
CA LEU E 15 -20.48 28.95 -44.67
C LEU E 15 -19.15 28.76 -45.41
N GLY E 16 -18.47 27.65 -45.12
CA GLY E 16 -17.20 27.35 -45.74
C GLY E 16 -16.02 27.89 -44.95
N GLU E 17 -16.33 28.58 -43.85
CA GLU E 17 -15.30 29.18 -43.01
C GLU E 17 -14.71 28.09 -42.10
N ARG E 18 -13.44 28.22 -41.74
CA ARG E 18 -12.79 27.25 -40.85
C ARG E 18 -12.73 27.82 -39.45
N VAL E 19 -13.09 27.01 -38.46
CA VAL E 19 -13.13 27.46 -37.08
C VAL E 19 -12.54 26.44 -36.10
N SER E 20 -12.14 26.92 -34.92
CA SER E 20 -11.58 26.05 -33.89
C SER E 20 -11.99 26.48 -32.48
N LEU E 21 -12.48 25.51 -31.70
CA LEU E 21 -12.85 25.74 -30.31
C LEU E 21 -11.77 25.17 -29.42
N THR E 22 -11.61 25.73 -28.22
CA THR E 22 -10.55 25.30 -27.33
C THR E 22 -11.05 25.00 -25.93
N CYS E 23 -10.62 23.89 -25.36
CA CYS E 23 -10.91 23.56 -23.97
C CYS E 23 -9.64 23.26 -23.20
N ARG E 24 -9.40 24.03 -22.14
CA ARG E 24 -8.22 23.80 -21.33
C ARG E 24 -8.59 23.18 -19.99
N ALA E 25 -8.03 22.02 -19.71
CA ALA E 25 -8.29 21.33 -18.45
C ALA E 25 -7.28 21.74 -17.36
N SER E 26 -7.77 21.94 -16.15
CA SER E 26 -6.91 22.35 -15.04
C SER E 26 -6.08 21.20 -14.46
N GLN E 27 -6.36 19.98 -14.91
CA GLN E 27 -5.60 18.80 -14.46
C GLN E 27 -5.40 17.83 -15.62
N GLU E 28 -4.53 16.84 -15.40
CA GLU E 28 -4.30 15.83 -16.41
C GLU E 28 -5.56 14.99 -16.59
N ILE E 29 -6.05 14.88 -17.82
CA ILE E 29 -7.22 14.05 -18.09
C ILE E 29 -6.92 12.95 -19.11
N SER E 30 -5.64 12.78 -19.42
CA SER E 30 -5.18 11.69 -20.28
C SER E 30 -6.00 11.46 -21.53
N GLY E 31 -6.35 12.53 -22.24
CA GLY E 31 -7.13 12.39 -23.47
C GLY E 31 -8.54 11.88 -23.29
N TYR E 32 -9.08 12.00 -22.07
CA TYR E 32 -10.47 11.64 -21.81
C TYR E 32 -11.34 12.89 -22.02
N LEU E 33 -11.25 13.46 -23.21
CA LEU E 33 -12.01 14.64 -23.53
C LEU E 33 -12.95 14.38 -24.69
N SER E 34 -14.19 14.82 -24.55
CA SER E 34 -15.16 14.63 -25.61
C SER E 34 -15.81 15.96 -25.95
N TRP E 35 -16.14 16.14 -27.21
CA TRP E 35 -16.86 17.33 -27.63
C TRP E 35 -18.27 16.89 -28.00
N LEU E 36 -19.24 17.74 -27.68
CA LEU E 36 -20.62 17.43 -27.92
C LEU E 36 -21.25 18.55 -28.73
N GLN E 37 -22.28 18.20 -29.48
CA GLN E 37 -23.04 19.20 -30.19
C GLN E 37 -24.49 19.14 -29.72
N GLU E 38 -25.08 20.31 -29.56
CA GLU E 38 -26.45 20.40 -29.12
C GLU E 38 -27.23 21.28 -30.09
N LYS E 39 -28.00 20.65 -30.97
CA LYS E 39 -28.85 21.36 -31.92
C LYS E 39 -29.99 22.04 -31.16
N PRO E 40 -30.52 23.14 -31.70
CA PRO E 40 -31.60 23.91 -31.08
C PRO E 40 -32.65 23.05 -30.43
N ASP E 41 -33.16 22.06 -31.19
CA ASP E 41 -34.24 21.19 -30.73
C ASP E 41 -33.96 20.41 -29.43
N GLY E 42 -32.75 20.59 -28.88
CA GLY E 42 -32.40 19.94 -27.61
C GLY E 42 -31.71 18.58 -27.70
N THR E 43 -31.62 17.99 -28.90
CA THR E 43 -30.92 16.71 -29.03
C THR E 43 -29.42 16.90 -28.86
N ILE E 44 -28.75 15.89 -28.34
CA ILE E 44 -27.29 15.95 -28.16
C ILE E 44 -26.60 14.77 -28.83
N LYS E 45 -25.60 15.06 -29.65
CA LYS E 45 -24.82 14.00 -30.27
C LYS E 45 -23.34 14.14 -29.94
N ARG E 46 -22.68 13.02 -29.72
CA ARG E 46 -21.25 13.03 -29.45
C ARG E 46 -20.54 13.20 -30.79
N LEU E 47 -19.55 14.08 -30.83
CA LEU E 47 -18.80 14.32 -32.05
C LEU E 47 -17.44 13.61 -31.99
N ILE E 48 -16.57 14.14 -31.14
CA ILE E 48 -15.24 13.60 -30.93
C ILE E 48 -15.16 12.99 -29.55
N TYR E 49 -14.50 11.85 -29.46
CA TYR E 49 -14.28 11.22 -28.16
C TYR E 49 -12.82 10.81 -28.10
N ALA E 50 -12.32 10.56 -26.90
CA ALA E 50 -10.92 10.21 -26.70
C ALA E 50 -10.00 11.30 -27.26
N ALA E 51 -10.43 12.54 -27.12
CA ALA E 51 -9.63 13.71 -27.52
C ALA E 51 -9.57 14.01 -29.03
N SER E 52 -9.40 12.99 -29.86
CA SER E 52 -9.27 13.23 -31.30
C SER E 52 -9.97 12.21 -32.18
N THR E 53 -10.49 11.14 -31.58
CA THR E 53 -11.18 10.14 -32.40
C THR E 53 -12.57 10.61 -32.80
N LEU E 54 -12.82 10.63 -34.11
CA LEU E 54 -14.11 10.98 -34.66
C LEU E 54 -15.12 9.87 -34.40
N ASP E 55 -16.34 10.25 -34.03
CA ASP E 55 -17.41 9.28 -33.75
C ASP E 55 -17.96 8.79 -35.07
N SER E 56 -18.65 7.65 -35.06
CA SER E 56 -19.24 7.13 -36.29
C SER E 56 -20.34 8.03 -36.82
N GLY E 57 -20.43 8.11 -38.15
CA GLY E 57 -21.47 8.90 -38.80
C GLY E 57 -21.26 10.41 -38.79
N VAL E 58 -20.26 10.88 -38.05
CA VAL E 58 -19.95 12.31 -38.01
C VAL E 58 -19.05 12.69 -39.19
N PRO E 59 -19.42 13.74 -39.94
CA PRO E 59 -18.66 14.22 -41.10
C PRO E 59 -17.16 14.41 -40.85
N LYS E 60 -16.37 14.30 -41.90
CA LYS E 60 -14.91 14.45 -41.80
C LYS E 60 -14.50 15.89 -41.54
N ARG E 61 -15.44 16.81 -41.70
CA ARG E 61 -15.19 18.22 -41.43
C ARG E 61 -14.67 18.37 -40.00
N PHE E 62 -15.20 17.54 -39.12
CA PHE E 62 -14.88 17.57 -37.70
C PHE E 62 -13.61 16.80 -37.35
N SER E 63 -12.84 17.36 -36.42
CA SER E 63 -11.63 16.70 -35.91
C SER E 63 -11.22 17.32 -34.56
N GLY E 64 -10.46 16.56 -33.78
CA GLY E 64 -9.96 17.07 -32.50
C GLY E 64 -8.46 16.86 -32.36
N SER E 65 -7.80 17.75 -31.64
CA SER E 65 -6.37 17.62 -31.38
C SER E 65 -5.99 17.98 -29.94
N ARG E 66 -4.99 17.31 -29.42
CA ARG E 66 -4.51 17.50 -28.06
C ARG E 66 -3.15 18.22 -28.09
N SER E 67 -2.99 19.23 -27.24
CA SER E 67 -1.71 19.93 -27.14
C SER E 67 -1.53 20.56 -25.77
N GLY E 68 -0.76 19.89 -24.92
CA GLY E 68 -0.61 20.31 -23.53
C GLY E 68 -1.93 20.02 -22.84
N SER E 69 -2.40 20.92 -22.00
CA SER E 69 -3.73 20.78 -21.41
C SER E 69 -4.79 21.38 -22.33
N ASP E 70 -4.34 21.81 -23.52
CA ASP E 70 -5.24 22.39 -24.49
C ASP E 70 -5.73 21.38 -25.51
N TYR E 71 -7.05 21.29 -25.64
CA TYR E 71 -7.68 20.43 -26.62
C TYR E 71 -8.51 21.34 -27.52
N SER E 72 -8.73 20.92 -28.75
CA SER E 72 -9.40 21.78 -29.71
C SER E 72 -10.25 21.04 -30.73
N LEU E 73 -11.46 21.56 -30.95
CA LEU E 73 -12.37 21.04 -31.94
C LEU E 73 -12.24 21.90 -33.20
N THR E 74 -12.02 21.26 -34.34
CA THR E 74 -11.85 21.99 -35.59
C THR E 74 -12.83 21.56 -36.67
N ILE E 75 -13.40 22.54 -37.38
CA ILE E 75 -14.30 22.29 -38.51
C ILE E 75 -13.74 22.94 -39.78
N SER E 76 -13.32 22.11 -40.73
CA SER E 76 -12.70 22.57 -41.99
C SER E 76 -13.49 23.60 -42.79
N SER E 77 -14.73 23.26 -43.13
CA SER E 77 -15.59 24.19 -43.87
C SER E 77 -17.02 24.06 -43.36
N LEU E 78 -17.45 25.09 -42.64
CA LEU E 78 -18.76 25.10 -42.01
C LEU E 78 -19.92 24.81 -42.96
N GLU E 79 -20.98 24.20 -42.43
CA GLU E 79 -22.21 23.96 -43.15
C GLU E 79 -23.39 24.42 -42.31
N SER E 80 -24.58 24.49 -42.91
CA SER E 80 -25.76 25.02 -42.24
C SER E 80 -26.08 24.43 -40.86
N GLU E 81 -26.25 23.11 -40.77
CA GLU E 81 -26.59 22.48 -39.49
C GLU E 81 -25.42 22.36 -38.51
N ASP E 82 -24.30 23.02 -38.83
CA ASP E 82 -23.14 23.04 -37.93
C ASP E 82 -23.28 24.18 -36.95
N PHE E 83 -24.09 25.15 -37.30
CA PHE E 83 -24.33 26.31 -36.44
C PHE E 83 -25.23 25.96 -35.27
N ALA E 84 -24.61 25.59 -34.16
CA ALA E 84 -25.36 25.21 -32.96
C ALA E 84 -24.50 25.47 -31.72
N ASP E 85 -24.75 24.70 -30.66
CA ASP E 85 -23.99 24.82 -29.42
C ASP E 85 -23.03 23.66 -29.24
N TYR E 86 -21.83 23.97 -28.77
CA TYR E 86 -20.81 22.94 -28.59
C TYR E 86 -20.27 22.98 -27.17
N TYR E 87 -20.13 21.80 -26.58
CA TYR E 87 -19.59 21.65 -25.24
C TYR E 87 -18.52 20.56 -25.23
N CYS E 88 -17.50 20.77 -24.42
CA CYS E 88 -16.49 19.77 -24.17
C CYS E 88 -16.66 19.36 -22.73
N LEU E 89 -16.26 18.15 -22.39
CA LEU E 89 -16.30 17.71 -21.01
C LEU E 89 -15.26 16.63 -20.79
N GLN E 90 -14.69 16.59 -19.58
CA GLN E 90 -13.74 15.54 -19.25
C GLN E 90 -14.55 14.42 -18.64
N TYR E 91 -14.19 13.19 -18.96
CA TYR E 91 -14.89 12.06 -18.37
C TYR E 91 -13.92 11.03 -17.80
N VAL E 92 -12.79 11.50 -17.27
CA VAL E 92 -11.82 10.61 -16.64
C VAL E 92 -12.29 10.22 -15.28
N SER E 93 -12.84 11.17 -14.56
CA SER E 93 -13.27 10.92 -13.19
C SER E 93 -14.53 11.69 -12.82
N TYR E 94 -15.02 11.44 -11.61
CA TYR E 94 -16.19 12.11 -11.09
C TYR E 94 -15.80 13.28 -10.20
N PRO E 95 -16.57 14.37 -10.24
CA PRO E 95 -17.73 14.50 -11.13
C PRO E 95 -17.32 14.94 -12.54
N TRP E 96 -18.09 14.52 -13.54
CA TRP E 96 -17.85 14.96 -14.91
C TRP E 96 -17.99 16.46 -14.96
N THR E 97 -17.09 17.14 -15.64
CA THR E 97 -17.15 18.58 -15.71
C THR E 97 -17.12 19.08 -17.14
N PHE E 98 -17.99 20.05 -17.42
CA PHE E 98 -18.18 20.58 -18.77
C PHE E 98 -17.54 21.95 -18.95
N GLY E 99 -17.43 22.38 -20.19
CA GLY E 99 -16.97 23.71 -20.51
C GLY E 99 -18.18 24.62 -20.53
N GLY E 100 -17.94 25.93 -20.54
CA GLY E 100 -19.03 26.90 -20.56
C GLY E 100 -19.90 26.73 -21.78
N GLY E 101 -19.35 26.15 -22.83
CA GLY E 101 -20.10 25.94 -24.05
C GLY E 101 -19.81 27.02 -25.09
N THR E 102 -20.14 26.74 -26.34
CA THR E 102 -19.94 27.72 -27.40
C THR E 102 -21.20 27.83 -28.26
N LYS E 103 -21.60 29.06 -28.55
CA LYS E 103 -22.74 29.28 -29.42
C LYS E 103 -22.23 29.81 -30.74
N LEU E 104 -22.34 28.97 -31.76
CA LEU E 104 -21.85 29.29 -33.10
C LEU E 104 -22.95 29.83 -33.98
N GLU E 105 -22.98 31.15 -34.19
CA GLU E 105 -24.00 31.75 -35.03
C GLU E 105 -23.50 32.20 -36.40
N ILE E 106 -24.43 32.56 -37.27
CA ILE E 106 -24.11 32.95 -38.65
C ILE E 106 -23.80 34.45 -38.73
N LYS E 107 -22.64 34.80 -39.25
CA LYS E 107 -22.24 36.21 -39.34
C LYS E 107 -22.90 36.96 -40.48
N ARG E 108 -23.14 38.25 -40.28
CA ARG E 108 -23.69 39.14 -41.31
C ARG E 108 -23.26 40.59 -41.05
N ALA E 109 -23.67 41.50 -41.93
CA ALA E 109 -23.34 42.91 -41.74
C ALA E 109 -24.21 43.52 -40.64
N ASP E 110 -23.61 44.40 -39.83
CA ASP E 110 -24.30 45.03 -38.71
C ASP E 110 -25.62 45.66 -39.17
N ALA E 111 -26.57 45.80 -38.24
CA ALA E 111 -27.87 46.39 -38.57
C ALA E 111 -28.54 47.00 -37.35
N ALA E 112 -29.26 48.09 -37.59
CA ALA E 112 -29.94 48.82 -36.52
C ALA E 112 -31.32 48.24 -36.19
N PRO E 113 -31.70 48.30 -34.90
CA PRO E 113 -33.04 47.86 -34.50
C PRO E 113 -34.13 48.83 -34.97
N THR E 114 -35.32 48.30 -35.22
CA THR E 114 -36.46 49.10 -35.62
C THR E 114 -37.40 49.16 -34.43
N VAL E 115 -37.10 50.06 -33.50
CA VAL E 115 -37.84 50.20 -32.26
C VAL E 115 -39.25 50.75 -32.43
N SER E 116 -40.22 50.05 -31.85
CA SER E 116 -41.60 50.52 -31.83
C SER E 116 -42.11 50.44 -30.39
N ILE E 117 -42.79 51.48 -29.92
CA ILE E 117 -43.32 51.47 -28.56
C ILE E 117 -44.84 51.37 -28.56
N PHE E 118 -45.41 50.78 -27.52
CA PHE E 118 -46.85 50.58 -27.46
C PHE E 118 -47.45 50.82 -26.08
N PRO E 119 -48.45 51.70 -26.01
CA PRO E 119 -49.17 51.96 -24.77
C PRO E 119 -50.04 50.75 -24.42
N PRO E 120 -50.57 50.71 -23.18
CA PRO E 120 -51.42 49.59 -22.81
C PRO E 120 -52.72 49.71 -23.59
N SER E 121 -53.34 48.59 -23.91
CA SER E 121 -54.61 48.64 -24.62
C SER E 121 -55.70 48.94 -23.59
N SER E 122 -56.81 49.48 -24.06
CA SER E 122 -57.91 49.83 -23.17
C SER E 122 -58.44 48.58 -22.46
N GLU E 123 -58.41 47.43 -23.13
CA GLU E 123 -58.87 46.20 -22.51
C GLU E 123 -58.11 45.98 -21.21
N GLN E 124 -56.80 46.06 -21.29
CA GLN E 124 -55.94 45.80 -20.13
C GLN E 124 -56.14 46.83 -19.03
N LEU E 125 -56.26 48.10 -19.42
CA LEU E 125 -56.50 49.17 -18.45
C LEU E 125 -57.73 48.85 -17.61
N THR E 126 -58.81 48.47 -18.30
CA THR E 126 -60.05 48.07 -17.66
C THR E 126 -59.79 47.08 -16.53
N SER E 127 -58.84 46.17 -16.76
CA SER E 127 -58.54 45.08 -15.83
C SER E 127 -57.46 45.36 -14.80
N GLY E 128 -57.26 46.64 -14.49
CA GLY E 128 -56.32 47.05 -13.43
C GLY E 128 -54.83 46.92 -13.68
N GLY E 129 -54.46 46.52 -14.90
CA GLY E 129 -53.05 46.37 -15.26
C GLY E 129 -52.65 47.33 -16.37
N ALA E 130 -51.36 47.62 -16.47
CA ALA E 130 -50.86 48.50 -17.51
C ALA E 130 -49.44 48.13 -17.97
N SER E 131 -49.35 47.45 -19.10
CA SER E 131 -48.05 47.08 -19.64
C SER E 131 -47.73 47.87 -20.91
N VAL E 132 -46.57 48.52 -20.90
CA VAL E 132 -46.10 49.22 -22.07
C VAL E 132 -45.11 48.29 -22.75
N VAL E 133 -45.37 47.98 -24.01
CA VAL E 133 -44.51 47.05 -24.74
C VAL E 133 -43.64 47.78 -25.75
N CYS E 134 -42.41 47.30 -25.86
CA CYS E 134 -41.43 47.92 -26.75
C CYS E 134 -40.73 46.83 -27.55
N PHE E 135 -40.84 46.91 -28.87
CA PHE E 135 -40.16 45.94 -29.74
C PHE E 135 -38.91 46.55 -30.34
N LEU E 136 -37.90 45.71 -30.56
CA LEU E 136 -36.67 46.12 -31.22
C LEU E 136 -36.36 45.00 -32.22
N ASN E 137 -36.70 45.22 -33.48
CA ASN E 137 -36.61 44.14 -34.46
C ASN E 137 -35.49 44.16 -35.48
N ASN E 138 -35.23 42.98 -36.05
CA ASN E 138 -34.20 42.78 -37.08
C ASN E 138 -32.93 43.58 -36.88
N PHE E 139 -32.07 43.09 -35.99
CA PHE E 139 -30.80 43.77 -35.73
C PHE E 139 -29.65 42.78 -35.65
N TYR E 140 -28.43 43.32 -35.70
CA TYR E 140 -27.21 42.51 -35.57
C TYR E 140 -26.07 43.40 -35.08
N PRO E 141 -25.20 42.87 -34.20
CA PRO E 141 -25.25 41.53 -33.61
C PRO E 141 -26.32 41.44 -32.51
N LYS E 142 -26.48 40.25 -31.94
CA LYS E 142 -27.49 40.01 -30.92
C LYS E 142 -27.39 40.91 -29.67
N ASP E 143 -26.17 41.22 -29.26
CA ASP E 143 -25.90 41.97 -28.04
C ASP E 143 -26.54 43.35 -27.97
N ILE E 144 -27.59 43.48 -27.16
CA ILE E 144 -28.28 44.75 -26.96
C ILE E 144 -28.49 45.05 -25.48
N ASN E 145 -28.96 46.26 -25.18
CA ASN E 145 -29.22 46.71 -23.82
C ASN E 145 -30.41 47.66 -23.83
N VAL E 146 -31.45 47.36 -23.03
CA VAL E 146 -32.64 48.20 -22.99
C VAL E 146 -32.87 48.89 -21.65
N LYS E 147 -33.35 50.12 -21.70
CA LYS E 147 -33.62 50.91 -20.51
C LYS E 147 -35.01 51.51 -20.60
N TRP E 148 -35.71 51.52 -19.47
CA TRP E 148 -37.05 52.10 -19.41
C TRP E 148 -37.04 53.39 -18.62
N LYS E 149 -37.79 54.38 -19.10
CA LYS E 149 -37.87 55.67 -18.41
C LYS E 149 -39.30 56.20 -18.33
N ILE E 150 -39.71 56.56 -17.11
CA ILE E 150 -41.03 57.09 -16.85
C ILE E 150 -40.94 58.52 -16.33
N ASP E 151 -41.60 59.45 -17.03
CA ASP E 151 -41.55 60.87 -16.66
C ASP E 151 -40.11 61.40 -16.62
N GLY E 152 -39.21 60.72 -17.30
CA GLY E 152 -37.79 61.11 -17.34
C GLY E 152 -36.85 60.22 -16.55
N SER E 153 -37.37 59.64 -15.47
CA SER E 153 -36.58 58.81 -14.56
C SER E 153 -36.61 57.32 -14.95
N GLU E 154 -35.52 56.61 -14.63
CA GLU E 154 -35.35 55.20 -14.98
C GLU E 154 -36.10 54.24 -14.06
N ARG E 155 -36.65 53.17 -14.63
CA ARG E 155 -37.34 52.14 -13.86
C ARG E 155 -36.62 50.79 -13.94
N GLN E 156 -36.55 50.09 -12.80
CA GLN E 156 -35.82 48.83 -12.68
C GLN E 156 -36.69 47.58 -12.78
N ASN E 157 -37.55 47.38 -11.79
CA ASN E 157 -38.39 46.18 -11.72
C ASN E 157 -39.67 46.28 -12.55
N GLY E 158 -40.28 45.13 -12.81
CA GLY E 158 -41.51 45.06 -13.60
C GLY E 158 -41.22 44.91 -15.08
N VAL E 159 -39.95 44.66 -15.41
CA VAL E 159 -39.53 44.48 -16.78
C VAL E 159 -39.46 43.00 -17.12
N LEU E 160 -39.85 42.68 -18.36
CA LEU E 160 -39.86 41.30 -18.83
C LEU E 160 -39.32 41.33 -20.27
N ASN E 161 -38.21 40.64 -20.50
CA ASN E 161 -37.58 40.68 -21.82
C ASN E 161 -37.48 39.31 -22.49
N SER E 162 -37.72 39.28 -23.79
CA SER E 162 -37.64 38.03 -24.54
C SER E 162 -36.81 38.22 -25.82
N TRP E 163 -35.88 37.31 -26.05
CA TRP E 163 -35.05 37.34 -27.24
C TRP E 163 -35.33 36.15 -28.13
N THR E 164 -35.39 36.38 -29.44
CA THR E 164 -35.63 35.29 -30.39
C THR E 164 -34.33 34.68 -30.89
N ASP E 165 -34.42 33.46 -31.40
CA ASP E 165 -33.30 32.81 -32.04
C ASP E 165 -33.03 33.48 -33.38
N GLN E 166 -31.80 33.31 -33.86
CA GLN E 166 -31.37 33.91 -35.13
C GLN E 166 -32.32 33.58 -36.28
N ASP E 167 -32.94 34.60 -36.86
CA ASP E 167 -33.84 34.41 -37.99
C ASP E 167 -33.11 33.64 -39.09
N SER E 168 -33.74 32.57 -39.57
CA SER E 168 -33.10 31.73 -40.58
C SER E 168 -33.17 32.33 -41.97
N LYS E 169 -33.78 33.50 -42.09
CA LYS E 169 -33.82 34.20 -43.38
C LYS E 169 -32.73 35.27 -43.49
N ASP E 170 -32.84 36.33 -42.72
CA ASP E 170 -31.87 37.42 -42.78
C ASP E 170 -30.81 37.39 -41.68
N SER E 171 -30.81 36.31 -40.91
CA SER E 171 -29.83 36.09 -39.84
C SER E 171 -29.73 37.17 -38.77
N THR E 172 -30.82 37.92 -38.56
CA THR E 172 -30.84 38.97 -37.57
C THR E 172 -31.48 38.47 -36.28
N TYR E 173 -31.55 39.35 -35.29
CA TYR E 173 -32.17 39.02 -34.01
C TYR E 173 -33.22 40.06 -33.66
N SER E 174 -34.22 39.67 -32.90
CA SER E 174 -35.27 40.59 -32.47
C SER E 174 -35.52 40.38 -30.98
N MET E 175 -35.98 41.43 -30.30
CA MET E 175 -36.29 41.30 -28.90
C MET E 175 -37.51 42.10 -28.50
N SER E 176 -38.14 41.69 -27.41
CA SER E 176 -39.33 42.34 -26.91
C SER E 176 -39.10 42.72 -25.46
N SER E 177 -39.50 43.92 -25.09
CA SER E 177 -39.38 44.38 -23.72
C SER E 177 -40.72 44.90 -23.21
N THR E 178 -41.17 44.33 -22.09
CA THR E 178 -42.49 44.69 -21.57
C THR E 178 -42.43 45.28 -20.16
N LEU E 179 -42.94 46.50 -20.01
CA LEU E 179 -43.02 47.12 -18.70
C LEU E 179 -44.45 46.99 -18.19
N THR E 180 -44.61 46.34 -17.04
CA THR E 180 -45.95 46.11 -16.49
C THR E 180 -46.14 46.80 -15.13
N LEU E 181 -47.12 47.69 -15.06
CA LEU E 181 -47.40 48.42 -13.84
C LEU E 181 -48.84 48.26 -13.41
N THR E 182 -49.21 48.92 -12.33
CA THR E 182 -50.60 48.94 -11.90
C THR E 182 -51.32 50.07 -12.64
N LYS E 183 -52.62 49.88 -12.88
CA LYS E 183 -53.42 50.88 -13.59
C LYS E 183 -53.19 52.26 -12.96
N ASP E 184 -53.15 52.30 -11.63
CA ASP E 184 -52.93 53.58 -10.92
C ASP E 184 -51.55 54.17 -11.17
N GLU E 185 -50.50 53.35 -11.08
CA GLU E 185 -49.14 53.84 -11.32
C GLU E 185 -48.98 54.41 -12.73
N TYR E 186 -49.68 53.80 -13.69
CA TYR E 186 -49.64 54.25 -15.07
C TYR E 186 -50.24 55.65 -15.20
N GLU E 187 -51.30 55.89 -14.44
CA GLU E 187 -52.00 57.17 -14.46
C GLU E 187 -51.23 58.27 -13.73
N HIS E 189 -48.42 59.17 -13.80
CA HIS E 189 -47.36 59.58 -14.70
C HIS E 189 -47.92 59.90 -16.08
N ASN E 190 -47.09 60.48 -16.95
CA ASN E 190 -47.60 60.93 -18.24
C ASN E 190 -46.69 60.63 -19.44
N SER E 191 -45.39 60.56 -19.21
CA SER E 191 -44.44 60.31 -20.30
C SER E 191 -43.68 59.00 -20.15
N TYR E 192 -43.82 58.11 -21.13
CA TYR E 192 -43.15 56.81 -21.09
C TYR E 192 -42.16 56.64 -22.23
N THR E 193 -40.93 56.29 -21.88
CA THR E 193 -39.84 56.21 -22.85
C THR E 193 -39.20 54.84 -22.92
N CYS E 194 -38.70 54.50 -24.11
CA CYS E 194 -38.01 53.23 -24.33
C CYS E 194 -36.69 53.49 -25.04
N GLU E 195 -35.59 53.42 -24.30
CA GLU E 195 -34.24 53.66 -24.85
C GLU E 195 -33.50 52.39 -25.22
N ALA E 196 -32.89 52.39 -26.41
CA ALA E 196 -32.19 51.21 -26.89
C ALA E 196 -30.74 51.49 -27.29
N THR E 197 -29.82 50.80 -26.63
CA THR E 197 -28.39 50.93 -26.92
C THR E 197 -27.87 49.74 -27.73
N HIS E 198 -27.35 50.01 -28.92
CA HIS E 198 -26.82 48.96 -29.80
C HIS E 198 -25.49 49.41 -30.36
N LYS E 199 -24.66 48.46 -30.79
CA LYS E 199 -23.37 48.76 -31.38
C LYS E 199 -23.51 49.61 -32.64
N THR E 200 -24.64 49.45 -33.31
CA THR E 200 -24.88 50.13 -34.57
C THR E 200 -25.07 51.66 -34.45
N SER E 201 -25.08 52.18 -33.22
CA SER E 201 -25.27 53.62 -33.02
C SER E 201 -24.47 54.15 -31.83
N THR E 202 -23.98 55.38 -31.96
CA THR E 202 -23.20 56.02 -30.90
C THR E 202 -24.12 56.55 -29.80
N SER E 203 -25.26 57.12 -30.20
CA SER E 203 -26.25 57.59 -29.24
C SER E 203 -27.54 56.78 -29.37
N PRO E 204 -28.08 56.32 -28.22
CA PRO E 204 -29.27 55.46 -28.11
C PRO E 204 -30.47 55.86 -28.95
N ILE E 205 -31.27 54.87 -29.35
CA ILE E 205 -32.50 55.12 -30.09
C ILE E 205 -33.63 55.38 -29.09
N VAL E 206 -34.29 56.52 -29.23
CA VAL E 206 -35.35 56.91 -28.30
C VAL E 206 -36.74 56.90 -28.93
N LYS E 207 -37.62 56.07 -28.39
CA LYS E 207 -39.02 56.01 -28.79
C LYS E 207 -39.89 56.13 -27.54
N SER E 208 -40.82 57.09 -27.56
CA SER E 208 -41.69 57.31 -26.40
C SER E 208 -43.03 57.90 -26.81
N PHE E 209 -43.85 58.22 -25.80
CA PHE E 209 -45.17 58.80 -26.01
C PHE E 209 -45.75 59.39 -24.72
N ASN E 210 -46.84 60.15 -24.86
CA ASN E 210 -47.56 60.72 -23.72
C ASN E 210 -48.98 60.16 -23.70
N ARG E 211 -49.69 60.33 -22.59
CA ARG E 211 -51.08 59.87 -22.56
C ARG E 211 -52.00 60.87 -23.27
N GLU F 1 -29.88 -2.07 -32.11
CA GLU F 1 -29.69 -0.59 -32.07
C GLU F 1 -29.76 -0.07 -30.64
N VAL F 2 -28.72 0.65 -30.24
CA VAL F 2 -28.66 1.23 -28.91
C VAL F 2 -29.44 2.53 -28.88
N GLN F 3 -30.28 2.71 -27.88
CA GLN F 3 -31.00 3.99 -27.74
C GLN F 3 -31.53 4.21 -26.32
N LEU F 4 -31.71 5.47 -25.96
CA LEU F 4 -32.18 5.81 -24.62
C LEU F 4 -33.43 6.67 -24.70
N GLU F 5 -34.57 6.07 -24.43
CA GLU F 5 -35.82 6.79 -24.48
C GLU F 5 -36.20 7.30 -23.10
N GLU F 6 -36.30 8.63 -22.97
CA GLU F 6 -36.67 9.25 -21.70
C GLU F 6 -38.15 9.58 -21.63
N SER F 7 -38.68 9.63 -20.41
CA SER F 7 -40.09 9.91 -20.20
C SER F 7 -40.42 11.32 -20.67
N GLY F 8 -41.71 11.57 -20.89
CA GLY F 8 -42.18 12.83 -21.46
C GLY F 8 -42.10 14.04 -20.56
N THR F 9 -42.37 15.21 -21.13
CA THR F 9 -42.37 16.47 -20.41
C THR F 9 -43.14 16.39 -19.10
N VAL F 10 -42.72 17.14 -18.08
CA VAL F 10 -43.43 17.11 -16.81
C VAL F 10 -43.69 18.50 -16.23
N LEU F 11 -44.87 18.68 -15.65
CA LEU F 11 -45.21 19.91 -14.96
C LEU F 11 -45.26 19.58 -13.47
N ALA F 12 -44.66 20.42 -12.64
CA ALA F 12 -44.67 20.13 -11.20
C ALA F 12 -44.69 21.40 -10.38
N ARG F 13 -45.25 21.28 -9.17
CA ARG F 13 -45.38 22.43 -8.28
C ARG F 13 -44.22 22.53 -7.29
N PRO F 14 -43.92 23.76 -6.83
CA PRO F 14 -42.85 24.02 -5.86
C PRO F 14 -42.96 23.14 -4.64
N GLY F 15 -41.85 22.53 -4.25
CA GLY F 15 -41.81 21.70 -3.06
C GLY F 15 -42.33 20.30 -3.25
N ALA F 16 -42.73 19.95 -4.47
CA ALA F 16 -43.20 18.61 -4.74
C ALA F 16 -42.04 17.70 -5.18
N SER F 17 -42.35 16.47 -5.58
CA SER F 17 -41.34 15.57 -6.08
C SER F 17 -41.78 15.08 -7.44
N VAL F 18 -40.82 14.81 -8.30
CA VAL F 18 -41.13 14.22 -9.60
C VAL F 18 -40.09 13.16 -9.97
N LYS F 19 -40.54 12.12 -10.63
CA LYS F 19 -39.68 11.01 -10.94
C LYS F 19 -39.76 10.75 -12.43
N MET F 20 -38.64 10.90 -13.12
CA MET F 20 -38.61 10.67 -14.55
C MET F 20 -37.87 9.38 -14.83
N SER F 21 -37.85 8.97 -16.10
CA SER F 21 -37.20 7.73 -16.43
C SER F 21 -36.35 7.81 -17.70
N CYS F 22 -35.43 6.85 -17.82
CA CYS F 22 -34.57 6.73 -18.98
C CYS F 22 -34.40 5.25 -19.21
N LYS F 23 -35.09 4.73 -20.24
CA LYS F 23 -35.05 3.30 -20.54
C LYS F 23 -34.00 2.98 -21.60
N ALA F 24 -33.22 1.93 -21.36
CA ALA F 24 -32.14 1.57 -22.26
C ALA F 24 -32.47 0.30 -23.00
N SER F 25 -32.05 0.23 -24.26
CA SER F 25 -32.26 -0.96 -25.06
C SER F 25 -31.18 -1.08 -26.14
N GLY F 26 -30.86 -2.32 -26.50
CA GLY F 26 -29.86 -2.56 -27.52
C GLY F 26 -28.50 -2.80 -26.91
N TYR F 27 -28.47 -3.03 -25.60
CA TYR F 27 -27.21 -3.33 -24.90
C TYR F 27 -27.50 -3.79 -23.48
N THR F 28 -26.50 -4.34 -22.81
CA THR F 28 -26.69 -4.82 -21.45
C THR F 28 -26.70 -3.68 -20.42
N PHE F 29 -27.91 -3.33 -20.02
CA PHE F 29 -28.22 -2.28 -19.05
C PHE F 29 -27.40 -2.38 -17.76
N THR F 30 -27.05 -3.60 -17.38
CA THR F 30 -26.41 -3.86 -16.11
C THR F 30 -24.87 -3.70 -16.13
N THR F 31 -24.33 -3.50 -17.33
CA THR F 31 -22.90 -3.40 -17.52
C THR F 31 -22.40 -1.97 -17.57
N TYR F 32 -23.34 -1.04 -17.74
CA TYR F 32 -23.00 0.36 -17.90
C TYR F 32 -23.43 1.21 -16.72
N ARG F 33 -22.83 2.39 -16.60
CA ARG F 33 -23.24 3.32 -15.58
C ARG F 33 -24.13 4.30 -16.30
N MET F 34 -25.28 4.61 -15.69
CA MET F 34 -26.22 5.54 -16.31
C MET F 34 -26.04 6.91 -15.66
N HIS F 35 -25.64 7.89 -16.46
CA HIS F 35 -25.34 9.22 -15.99
C HIS F 35 -26.46 10.20 -16.24
N TRP F 36 -26.55 11.24 -15.41
CA TRP F 36 -27.59 12.24 -15.59
C TRP F 36 -27.01 13.63 -15.69
N ILE F 37 -27.43 14.38 -16.70
CA ILE F 37 -26.94 15.72 -16.93
C ILE F 37 -28.11 16.69 -16.86
N LYS F 38 -27.91 17.83 -16.21
CA LYS F 38 -28.96 18.81 -16.08
C LYS F 38 -28.57 20.09 -16.82
N GLN F 39 -29.53 20.68 -17.53
CA GLN F 39 -29.25 21.91 -18.25
C GLN F 39 -30.39 22.90 -18.12
N ARG F 40 -30.19 23.92 -17.29
CA ARG F 40 -31.20 24.96 -17.09
C ARG F 40 -31.34 25.79 -18.37
N PRO F 41 -32.55 26.33 -18.62
CA PRO F 41 -32.80 27.08 -19.85
C PRO F 41 -31.72 28.12 -20.11
N GLY F 42 -31.19 28.13 -21.32
CA GLY F 42 -30.18 29.10 -21.71
C GLY F 42 -28.85 29.05 -20.99
N GLN F 43 -28.65 28.06 -20.12
CA GLN F 43 -27.37 27.94 -19.42
C GLN F 43 -26.59 26.71 -19.87
N GLY F 44 -25.56 26.35 -19.12
CA GLY F 44 -24.70 25.24 -19.51
C GLY F 44 -25.15 23.85 -19.07
N LEU F 45 -24.30 22.86 -19.33
CA LEU F 45 -24.57 21.49 -18.94
C LEU F 45 -23.97 21.25 -17.57
N GLU F 46 -24.46 20.25 -16.85
CA GLU F 46 -23.99 19.98 -15.50
C GLU F 46 -24.22 18.54 -15.13
N TRP F 47 -23.33 17.98 -14.32
CA TRP F 47 -23.41 16.60 -13.93
C TRP F 47 -24.21 16.40 -12.62
N ILE F 48 -25.22 15.55 -12.65
CA ILE F 48 -26.00 15.29 -11.44
C ILE F 48 -25.48 14.08 -10.64
N GLY F 49 -25.29 12.96 -11.32
CA GLY F 49 -24.83 11.73 -10.69
C GLY F 49 -24.99 10.59 -11.67
N ALA F 50 -24.95 9.37 -11.16
CA ALA F 50 -25.04 8.21 -12.04
C ALA F 50 -25.28 6.96 -11.22
N ILE F 51 -25.92 5.97 -11.84
CA ILE F 51 -26.24 4.72 -11.14
C ILE F 51 -25.71 3.48 -11.88
N TYR F 52 -25.35 2.46 -11.11
CA TYR F 52 -24.88 1.20 -11.69
C TYR F 52 -25.91 0.10 -11.41
N PRO F 53 -26.74 -0.20 -12.42
CA PRO F 53 -27.86 -1.12 -12.27
C PRO F 53 -27.45 -2.53 -11.83
N GLY F 54 -26.26 -2.96 -12.26
CA GLY F 54 -25.76 -4.28 -11.90
C GLY F 54 -25.98 -4.57 -10.43
N ASN F 55 -25.66 -3.59 -9.58
CA ASN F 55 -25.77 -3.76 -8.13
C ASN F 55 -26.36 -2.52 -7.44
N SER F 56 -26.88 -1.60 -8.24
CA SER F 56 -27.50 -0.37 -7.73
C SER F 56 -26.56 0.56 -6.96
N ASP F 57 -25.27 0.41 -7.20
CA ASP F 57 -24.29 1.29 -6.61
C ASP F 57 -24.50 2.67 -7.24
N THR F 58 -24.23 3.73 -6.50
CA THR F 58 -24.44 5.08 -7.02
C THR F 58 -23.29 6.06 -6.72
N THR F 59 -23.24 7.15 -7.47
CA THR F 59 -22.29 8.23 -7.24
C THR F 59 -23.06 9.51 -7.48
N TYR F 60 -22.86 10.49 -6.60
CA TYR F 60 -23.64 11.73 -6.65
C TYR F 60 -22.80 12.99 -6.66
N ASN F 61 -23.17 13.92 -7.51
CA ASN F 61 -22.53 15.23 -7.48
C ASN F 61 -22.89 15.80 -6.12
N GLN F 62 -21.87 16.16 -5.36
CA GLN F 62 -22.08 16.75 -4.04
C GLN F 62 -23.24 17.76 -4.09
N LYS F 63 -23.15 18.69 -5.03
CA LYS F 63 -24.15 19.75 -5.18
C LYS F 63 -25.60 19.24 -5.17
N PHE F 64 -25.86 18.13 -5.86
CA PHE F 64 -27.21 17.59 -5.98
C PHE F 64 -27.42 16.42 -5.05
N LYS F 65 -26.61 16.34 -4.01
CA LYS F 65 -26.66 15.23 -3.05
C LYS F 65 -28.03 15.05 -2.41
N ASP F 66 -28.67 16.14 -2.03
CA ASP F 66 -29.99 16.07 -1.38
C ASP F 66 -31.12 16.50 -2.29
N LYS F 67 -30.88 16.49 -3.59
CA LYS F 67 -31.91 16.91 -4.52
C LYS F 67 -32.37 15.77 -5.41
N ALA F 68 -31.49 14.81 -5.63
CA ALA F 68 -31.78 13.72 -6.55
C ALA F 68 -31.69 12.37 -5.88
N LYS F 69 -32.36 11.39 -6.48
CA LYS F 69 -32.26 10.02 -6.02
C LYS F 69 -32.32 9.06 -7.22
N LEU F 70 -31.31 8.21 -7.34
CA LEU F 70 -31.24 7.31 -8.46
C LEU F 70 -31.57 5.89 -8.07
N THR F 71 -32.59 5.35 -8.71
CA THR F 71 -32.99 3.98 -8.49
C THR F 71 -32.98 3.33 -9.86
N ALA F 72 -33.05 2.01 -9.92
CA ALA F 72 -33.06 1.31 -11.19
C ALA F 72 -33.76 -0.05 -11.13
N VAL F 73 -34.53 -0.35 -12.17
CA VAL F 73 -35.22 -1.63 -12.29
C VAL F 73 -34.67 -2.38 -13.49
N THR F 74 -33.91 -3.43 -13.22
CA THR F 74 -33.24 -4.17 -14.29
C THR F 74 -34.20 -5.00 -15.13
N SER F 75 -35.29 -5.46 -14.52
CA SER F 75 -36.27 -6.27 -15.24
C SER F 75 -36.91 -5.51 -16.40
N THR F 76 -36.93 -4.19 -16.33
CA THR F 76 -37.51 -3.40 -17.41
C THR F 76 -36.47 -2.52 -18.07
N SER F 77 -35.20 -2.71 -17.67
CA SER F 77 -34.09 -2.01 -18.27
C SER F 77 -34.27 -0.48 -18.17
N SER F 78 -34.83 -0.02 -17.05
CA SER F 78 -35.12 1.41 -16.85
C SER F 78 -34.40 2.06 -15.66
N ALA F 79 -33.82 3.23 -15.91
CA ALA F 79 -33.17 4.00 -14.85
C ALA F 79 -34.12 5.11 -14.44
N TYR F 80 -34.12 5.47 -13.16
CA TYR F 80 -35.00 6.50 -12.66
C TYR F 80 -34.29 7.57 -11.85
N MET F 81 -34.75 8.81 -11.99
CA MET F 81 -34.24 9.92 -11.20
C MET F 81 -35.42 10.68 -10.59
N GLU F 82 -35.35 10.90 -9.29
CA GLU F 82 -36.41 11.57 -8.56
C GLU F 82 -35.92 12.86 -7.91
N LEU F 83 -36.49 13.98 -8.33
CA LEU F 83 -36.08 15.27 -7.77
C LEU F 83 -37.09 15.72 -6.73
N SER F 84 -36.61 16.27 -5.62
CA SER F 84 -37.48 16.65 -4.53
C SER F 84 -37.25 18.10 -4.09
N SER F 85 -38.02 18.55 -3.11
CA SER F 85 -37.94 19.94 -2.62
C SER F 85 -37.91 20.91 -3.79
N LEU F 86 -38.75 20.64 -4.78
CA LEU F 86 -38.75 21.39 -6.04
C LEU F 86 -38.76 22.90 -5.89
N THR F 87 -37.76 23.55 -6.48
CA THR F 87 -37.73 25.00 -6.49
C THR F 87 -37.62 25.50 -7.90
N ASN F 88 -37.55 26.81 -8.04
CA ASN F 88 -37.46 27.47 -9.33
C ASN F 88 -36.27 26.97 -10.13
N GLU F 89 -35.14 26.79 -9.44
CA GLU F 89 -33.88 26.43 -10.08
C GLU F 89 -33.84 24.98 -10.54
N ASP F 90 -34.93 24.26 -10.35
CA ASP F 90 -35.00 22.88 -10.80
C ASP F 90 -35.63 22.81 -12.17
N SER F 91 -36.32 23.87 -12.57
CA SER F 91 -36.86 23.96 -13.91
C SER F 91 -35.71 23.92 -14.92
N ALA F 92 -35.59 22.81 -15.63
CA ALA F 92 -34.54 22.62 -16.63
C ALA F 92 -34.84 21.41 -17.50
N VAL F 93 -33.85 21.02 -18.29
CA VAL F 93 -33.93 19.84 -19.13
C VAL F 93 -32.94 18.83 -18.59
N TYR F 94 -33.32 17.56 -18.59
CA TYR F 94 -32.48 16.55 -18.00
C TYR F 94 -32.21 15.43 -18.97
N PHE F 95 -30.96 15.02 -19.06
CA PHE F 95 -30.52 14.00 -20.00
C PHE F 95 -29.89 12.83 -19.30
N CYS F 96 -29.99 11.67 -19.93
CA CYS F 96 -29.31 10.51 -19.43
C CYS F 96 -28.35 10.06 -20.53
N THR F 97 -27.24 9.47 -20.12
CA THR F 97 -26.26 8.93 -21.05
C THR F 97 -25.54 7.78 -20.35
N ARG F 98 -24.59 7.14 -21.02
CA ARG F 98 -23.99 5.93 -20.46
C ARG F 98 -22.47 6.01 -20.32
N GLU F 99 -21.94 5.15 -19.46
CA GLU F 99 -20.49 5.01 -19.28
C GLU F 99 -20.14 3.54 -19.25
N GLY F 100 -19.38 3.07 -20.21
CA GLY F 100 -19.05 1.65 -20.27
C GLY F 100 -17.59 1.32 -20.50
N ILE F 101 -17.29 0.03 -20.57
CA ILE F 101 -15.93 -0.47 -20.78
C ILE F 101 -15.66 -0.84 -22.24
N PRO F 102 -14.59 -0.30 -22.84
CA PRO F 102 -13.58 0.60 -22.26
C PRO F 102 -14.10 2.01 -22.01
N GLN F 103 -13.80 2.55 -20.83
CA GLN F 103 -14.19 3.89 -20.49
C GLN F 103 -13.85 4.89 -21.59
N LEU F 104 -12.65 4.77 -22.14
CA LEU F 104 -12.18 5.73 -23.12
C LEU F 104 -13.15 5.87 -24.28
N LEU F 105 -13.73 4.75 -24.72
CA LEU F 105 -14.58 4.83 -25.90
C LEU F 105 -16.06 4.48 -25.74
N ARG F 106 -16.43 3.77 -24.69
CA ARG F 106 -17.84 3.39 -24.50
C ARG F 106 -18.61 4.31 -23.56
N THR F 107 -18.43 5.62 -23.70
CA THR F 107 -19.13 6.57 -22.84
C THR F 107 -19.41 7.87 -23.58
N LEU F 108 -20.57 8.47 -23.26
CA LEU F 108 -21.06 9.67 -23.95
C LEU F 108 -21.48 9.36 -25.39
N ASP F 109 -21.49 8.08 -25.75
CA ASP F 109 -21.79 7.70 -27.13
C ASP F 109 -23.26 7.75 -27.55
N TYR F 110 -24.16 7.73 -26.56
CA TYR F 110 -25.59 7.74 -26.84
C TYR F 110 -26.31 8.55 -25.78
N TRP F 111 -27.30 9.34 -26.19
CA TRP F 111 -28.00 10.18 -25.23
C TRP F 111 -29.52 10.03 -25.26
N GLY F 112 -30.17 10.36 -24.15
CA GLY F 112 -31.62 10.40 -24.12
C GLY F 112 -32.04 11.68 -24.81
N GLN F 113 -33.27 11.75 -25.27
CA GLN F 113 -33.71 12.92 -26.01
C GLN F 113 -33.94 14.13 -25.09
N GLY F 114 -33.65 13.96 -23.80
CA GLY F 114 -33.88 15.03 -22.82
C GLY F 114 -35.32 15.07 -22.28
N THR F 115 -35.46 15.35 -20.98
CA THR F 115 -36.78 15.51 -20.37
C THR F 115 -36.87 16.94 -19.84
N SER F 116 -38.04 17.56 -20.00
CA SER F 116 -38.25 18.93 -19.54
C SER F 116 -39.12 19.00 -18.31
N VAL F 117 -38.54 19.54 -17.25
CA VAL F 117 -39.26 19.73 -16.01
C VAL F 117 -39.47 21.22 -15.83
N THR F 118 -40.72 21.60 -15.58
CA THR F 118 -41.05 22.98 -15.33
C THR F 118 -41.78 23.01 -14.02
N VAL F 119 -41.32 23.87 -13.12
CA VAL F 119 -41.92 23.97 -11.80
C VAL F 119 -42.74 25.24 -11.67
N SER F 120 -44.04 25.09 -11.46
CA SER F 120 -44.93 26.23 -11.27
C SER F 120 -46.15 25.89 -10.42
N SER F 121 -46.46 26.77 -9.48
CA SER F 121 -47.63 26.56 -8.63
C SER F 121 -48.94 26.83 -9.37
N ALA F 122 -48.84 27.15 -10.64
CA ALA F 122 -50.03 27.45 -11.43
C ALA F 122 -50.69 26.19 -11.94
N LYS F 123 -52.00 26.29 -12.14
CA LYS F 123 -52.79 25.25 -12.75
C LYS F 123 -53.17 25.83 -14.10
N THR F 124 -53.90 25.09 -14.92
CA THR F 124 -54.33 25.63 -16.19
C THR F 124 -54.87 27.05 -15.98
N THR F 125 -54.39 27.99 -16.78
CA THR F 125 -54.78 29.39 -16.68
C THR F 125 -54.96 29.94 -18.07
N ALA F 126 -56.15 30.49 -18.33
CA ALA F 126 -56.43 31.10 -19.63
C ALA F 126 -55.63 32.38 -19.77
N PRO F 127 -54.99 32.57 -20.94
CA PRO F 127 -54.23 33.79 -21.17
C PRO F 127 -55.14 34.97 -21.44
N SER F 128 -54.68 36.16 -21.09
CA SER F 128 -55.36 37.37 -21.47
C SER F 128 -54.65 37.86 -22.73
N VAL F 129 -55.42 38.27 -23.72
CA VAL F 129 -54.88 38.72 -24.99
C VAL F 129 -55.26 40.19 -25.26
N TYR F 130 -54.24 41.03 -25.39
CA TYR F 130 -54.47 42.42 -25.66
C TYR F 130 -53.81 42.81 -26.96
N PRO F 131 -54.46 43.68 -27.74
CA PRO F 131 -53.89 44.13 -29.01
C PRO F 131 -52.97 45.34 -28.76
N LEU F 132 -51.95 45.49 -29.61
CA LEU F 132 -51.01 46.59 -29.48
C LEU F 132 -50.99 47.47 -30.71
N ALA F 133 -51.63 48.63 -30.60
CA ALA F 133 -51.72 49.61 -31.67
C ALA F 133 -50.70 50.73 -31.43
N PRO F 134 -50.23 51.38 -32.51
CA PRO F 134 -49.21 52.43 -32.42
C PRO F 134 -49.66 53.67 -31.64
N VAL F 135 -48.72 54.60 -31.45
CA VAL F 135 -48.97 55.83 -30.70
C VAL F 135 -49.85 56.84 -31.45
N CYS F 136 -49.45 58.11 -31.41
CA CYS F 136 -50.17 59.18 -32.12
C CYS F 136 -49.20 60.07 -32.89
N GLY F 141 -42.65 57.21 -41.92
CA GLY F 141 -42.18 55.87 -42.29
C GLY F 141 -43.22 55.07 -43.04
N SER F 142 -42.78 54.35 -44.07
CA SER F 142 -43.66 53.55 -44.91
C SER F 142 -44.15 52.26 -44.24
N SER F 143 -43.46 51.85 -43.17
CA SER F 143 -43.82 50.64 -42.44
C SER F 143 -44.37 50.95 -41.06
N VAL F 144 -45.31 50.13 -40.61
CA VAL F 144 -45.87 50.27 -39.26
C VAL F 144 -45.89 48.91 -38.58
N THR F 145 -45.48 48.88 -37.32
CA THR F 145 -45.45 47.66 -36.55
C THR F 145 -46.67 47.55 -35.64
N LEU F 146 -47.32 46.39 -35.66
CA LEU F 146 -48.46 46.12 -34.79
C LEU F 146 -48.12 44.98 -33.85
N GLY F 147 -48.64 45.06 -32.63
CA GLY F 147 -48.34 44.05 -31.65
C GLY F 147 -49.53 43.33 -31.05
N CYS F 148 -49.24 42.23 -30.35
CA CYS F 148 -50.26 41.44 -29.71
C CYS F 148 -49.64 40.84 -28.47
N LEU F 149 -50.21 41.16 -27.32
CA LEU F 149 -49.69 40.67 -26.06
C LEU F 149 -50.53 39.54 -25.49
N VAL F 150 -49.88 38.41 -25.23
CA VAL F 150 -50.52 37.25 -24.63
C VAL F 150 -49.98 37.12 -23.20
N LYS F 151 -50.81 37.46 -22.21
CA LYS F 151 -50.28 37.55 -20.85
C LYS F 151 -50.92 36.66 -19.81
N GLY F 152 -50.08 36.09 -18.95
CA GLY F 152 -50.53 35.28 -17.82
C GLY F 152 -51.30 34.03 -18.18
N TYR F 153 -50.58 32.97 -18.54
CA TYR F 153 -51.24 31.73 -18.87
C TYR F 153 -50.39 30.56 -18.42
N PHE F 154 -50.95 29.36 -18.56
CA PHE F 154 -50.25 28.16 -18.16
C PHE F 154 -51.07 26.92 -18.49
N PRO F 155 -50.41 25.90 -19.07
CA PRO F 155 -48.99 25.90 -19.38
C PRO F 155 -48.72 26.26 -20.83
N GLU F 156 -47.55 25.86 -21.32
CA GLU F 156 -47.23 25.97 -22.73
C GLU F 156 -48.02 24.86 -23.39
N PRO F 157 -48.27 24.98 -24.70
CA PRO F 157 -47.91 26.10 -25.52
C PRO F 157 -49.13 26.91 -25.91
N VAL F 158 -48.94 27.88 -26.80
CA VAL F 158 -50.03 28.65 -27.37
C VAL F 158 -49.64 28.91 -28.81
N THR F 159 -50.63 28.93 -29.68
CA THR F 159 -50.42 29.17 -31.09
C THR F 159 -50.85 30.58 -31.40
N LEU F 160 -50.02 31.33 -32.12
CA LEU F 160 -50.34 32.70 -32.46
C LEU F 160 -50.17 32.91 -33.96
N THR F 161 -51.24 33.37 -34.60
CA THR F 161 -51.23 33.60 -36.04
C THR F 161 -51.87 34.93 -36.36
N TRP F 162 -51.50 35.53 -37.48
CA TRP F 162 -52.09 36.80 -37.90
C TRP F 162 -52.99 36.57 -39.12
N ASN F 163 -54.20 37.13 -39.09
CA ASN F 163 -55.17 36.95 -40.17
C ASN F 163 -55.29 35.49 -40.60
N SER F 164 -55.48 34.61 -39.62
CA SER F 164 -55.62 33.17 -39.82
C SER F 164 -54.45 32.53 -40.57
N GLY F 165 -53.31 33.21 -40.59
CA GLY F 165 -52.12 32.69 -41.27
C GLY F 165 -51.78 33.40 -42.57
N SER F 166 -52.79 34.03 -43.18
CA SER F 166 -52.61 34.77 -44.44
C SER F 166 -51.34 35.59 -44.38
N LEU F 167 -51.22 36.39 -43.33
CA LEU F 167 -50.04 37.21 -43.15
C LEU F 167 -49.03 36.44 -42.29
N SER F 168 -47.85 36.19 -42.85
CA SER F 168 -46.83 35.43 -42.12
C SER F 168 -45.45 36.08 -42.16
N SER F 169 -45.11 36.72 -43.26
CA SER F 169 -43.81 37.38 -43.37
C SER F 169 -43.82 38.72 -42.64
N GLY F 170 -42.70 39.04 -41.99
CA GLY F 170 -42.57 40.29 -41.23
C GLY F 170 -43.15 40.14 -39.85
N VAL F 171 -43.17 38.90 -39.36
CA VAL F 171 -43.70 38.60 -38.04
C VAL F 171 -42.62 38.15 -37.09
N HIS F 172 -42.75 38.52 -35.82
CA HIS F 172 -41.83 38.06 -34.80
C HIS F 172 -42.61 37.62 -33.58
N THR F 173 -42.75 36.31 -33.42
CA THR F 173 -43.42 35.76 -32.28
C THR F 173 -42.34 35.35 -31.28
N PHE F 174 -42.28 36.06 -30.16
CA PHE F 174 -41.22 35.86 -29.18
C PHE F 174 -41.42 34.66 -28.25
N PRO F 175 -40.32 34.03 -27.83
CA PRO F 175 -40.44 32.86 -26.96
C PRO F 175 -41.15 33.25 -25.66
N ALA F 176 -42.00 32.37 -25.17
CA ALA F 176 -42.70 32.64 -23.92
C ALA F 176 -41.70 32.66 -22.77
N VAL F 177 -41.96 33.51 -21.78
CA VAL F 177 -41.11 33.61 -20.61
C VAL F 177 -41.93 33.32 -19.35
N LEU F 178 -41.44 32.42 -18.51
CA LEU F 178 -42.14 32.09 -17.29
C LEU F 178 -41.75 33.06 -16.18
N GLN F 179 -42.75 33.69 -15.57
CA GLN F 179 -42.51 34.65 -14.49
C GLN F 179 -43.66 34.62 -13.50
N SER F 180 -43.34 34.41 -12.22
CA SER F 180 -44.35 34.29 -11.18
C SER F 180 -45.34 33.18 -11.49
N ASP F 181 -44.81 32.05 -11.96
CA ASP F 181 -45.62 30.88 -12.24
C ASP F 181 -46.47 30.96 -13.50
N LEU F 182 -46.56 32.15 -14.10
CA LEU F 182 -47.35 32.31 -15.31
C LEU F 182 -46.50 32.70 -16.52
N TYR F 183 -46.92 32.24 -17.70
CA TYR F 183 -46.21 32.56 -18.94
C TYR F 183 -46.72 33.84 -19.58
N THR F 184 -45.83 34.50 -20.32
CA THR F 184 -46.22 35.66 -21.10
C THR F 184 -45.51 35.64 -22.43
N LEU F 185 -46.21 36.09 -23.46
CA LEU F 185 -45.67 36.04 -24.79
C LEU F 185 -46.13 37.25 -25.57
N SER F 186 -45.22 37.80 -26.38
CA SER F 186 -45.52 38.94 -27.20
C SER F 186 -45.27 38.55 -28.63
N SER F 187 -45.83 39.31 -29.58
CA SER F 187 -45.63 39.03 -30.99
C SER F 187 -45.83 40.31 -31.79
N SER F 188 -44.89 40.62 -32.69
CA SER F 188 -45.02 41.81 -33.52
C SER F 188 -45.26 41.43 -34.97
N VAL F 189 -45.74 42.40 -35.75
CA VAL F 189 -45.96 42.23 -37.18
C VAL F 189 -45.81 43.58 -37.88
N THR F 190 -44.99 43.63 -38.92
CA THR F 190 -44.73 44.88 -39.62
C THR F 190 -45.20 44.84 -41.07
N VAL F 191 -46.04 45.81 -41.45
CA VAL F 191 -46.51 45.91 -42.84
C VAL F 191 -46.27 47.30 -43.42
N THR F 192 -46.76 47.52 -44.64
CA THR F 192 -46.64 48.81 -45.32
C THR F 192 -47.78 49.73 -44.89
N SER F 193 -47.43 50.88 -44.31
CA SER F 193 -48.41 51.83 -43.77
C SER F 193 -49.63 52.11 -44.65
N SER F 194 -49.54 51.72 -45.93
CA SER F 194 -50.65 51.93 -46.85
C SER F 194 -51.70 50.82 -46.73
N THR F 195 -51.30 49.67 -46.21
CA THR F 195 -52.18 48.51 -46.08
C THR F 195 -52.99 48.50 -44.78
N TRP F 196 -52.52 49.25 -43.79
CA TRP F 196 -53.21 49.35 -42.50
C TRP F 196 -53.45 50.81 -42.14
N PRO F 197 -54.64 51.14 -41.59
CA PRO F 197 -55.73 50.25 -41.21
C PRO F 197 -56.73 49.92 -42.31
N SER F 198 -56.31 50.05 -43.56
CA SER F 198 -57.16 49.72 -44.70
C SER F 198 -57.66 48.28 -44.64
N GLN F 199 -56.75 47.37 -44.29
CA GLN F 199 -57.05 45.95 -44.24
C GLN F 199 -57.00 45.39 -42.82
N SER F 200 -58.11 44.77 -42.41
CA SER F 200 -58.24 44.22 -41.06
C SER F 200 -57.07 43.33 -40.65
N ILE F 201 -56.30 43.79 -39.68
CA ILE F 201 -55.22 42.98 -39.14
C ILE F 201 -55.68 42.39 -37.81
N THR F 202 -55.82 41.07 -37.78
CA THR F 202 -56.27 40.40 -36.56
C THR F 202 -55.22 39.46 -36.00
N CYS F 203 -55.21 39.38 -34.67
CA CYS F 203 -54.31 38.51 -33.92
C CYS F 203 -55.08 37.28 -33.47
N ASN F 204 -54.58 36.09 -33.80
CA ASN F 204 -55.25 34.84 -33.44
C ASN F 204 -54.51 34.01 -32.40
N VAL F 205 -55.03 34.01 -31.18
CA VAL F 205 -54.42 33.26 -30.10
C VAL F 205 -55.26 32.03 -29.78
N ALA F 206 -54.59 30.92 -29.49
CA ALA F 206 -55.29 29.71 -29.08
C ALA F 206 -54.49 29.02 -27.97
N HIS F 207 -55.17 28.72 -26.87
CA HIS F 207 -54.53 28.03 -25.76
C HIS F 207 -55.29 26.75 -25.41
N PRO F 208 -54.92 25.65 -26.08
CA PRO F 208 -55.55 24.35 -25.94
C PRO F 208 -55.99 24.00 -24.52
N ALA F 209 -55.05 24.00 -23.57
CA ALA F 209 -55.35 23.60 -22.18
C ALA F 209 -56.63 24.22 -21.62
N SER F 210 -56.79 25.53 -21.78
CA SER F 210 -57.98 26.21 -21.30
C SER F 210 -59.05 26.33 -22.38
N SER F 211 -58.89 25.54 -23.45
CA SER F 211 -59.83 25.53 -24.56
C SER F 211 -60.25 26.94 -24.97
N THR F 212 -59.27 27.83 -25.08
CA THR F 212 -59.55 29.21 -25.47
C THR F 212 -59.05 29.56 -26.87
N LYS F 213 -59.82 30.37 -27.57
CA LYS F 213 -59.47 30.83 -28.91
C LYS F 213 -59.88 32.29 -29.03
N VAL F 214 -58.96 33.21 -28.74
CA VAL F 214 -59.28 34.62 -28.81
C VAL F 214 -58.79 35.27 -30.10
N ASP F 215 -59.71 35.98 -30.76
CA ASP F 215 -59.38 36.73 -31.96
C ASP F 215 -59.46 38.21 -31.62
N LYS F 216 -58.33 38.90 -31.65
CA LYS F 216 -58.33 40.31 -31.29
C LYS F 216 -57.92 41.17 -32.48
N LYS F 217 -58.86 41.98 -32.96
CA LYS F 217 -58.63 42.90 -34.07
C LYS F 217 -57.92 44.15 -33.57
N ILE F 218 -56.83 44.55 -34.23
CA ILE F 218 -56.08 45.74 -33.82
C ILE F 218 -56.73 47.01 -34.37
N GLU F 219 -57.24 47.85 -33.47
CA GLU F 219 -57.88 49.08 -33.88
C GLU F 219 -57.12 50.31 -33.43
N PRO F 220 -57.11 51.35 -34.27
CA PRO F 220 -56.40 52.58 -33.98
C PRO F 220 -57.26 53.56 -33.20
#